data_3SBN
# 
_entry.id   3SBN 
# 
_audit_conform.dict_name       mmcif_pdbx.dic 
_audit_conform.dict_version    5.381 
_audit_conform.dict_location   http://mmcif.pdb.org/dictionaries/ascii/mmcif_pdbx.dic 
# 
loop_
_database_2.database_id 
_database_2.database_code 
_database_2.pdbx_database_accession 
_database_2.pdbx_DOI 
PDB   3SBN         pdb_00003sbn 10.2210/pdb3sbn/pdb 
RCSB  RCSB066006   ?            ?                   
WWPDB D_1000066006 ?            ?                   
# 
_pdbx_database_status.status_code                     REL 
_pdbx_database_status.entry_id                        3SBN 
_pdbx_database_status.recvd_initial_deposition_date   2011-06-06 
_pdbx_database_status.deposit_site                    RCSB 
_pdbx_database_status.process_site                    RCSB 
_pdbx_database_status.status_code_sf                  REL 
_pdbx_database_status.status_code_mr                  ? 
_pdbx_database_status.SG_entry                        ? 
_pdbx_database_status.status_code_cs                  ? 
_pdbx_database_status.methods_development_category    ? 
_pdbx_database_status.pdb_format_compatible           Y 
_pdbx_database_status.status_code_nmr_data            ? 
# 
loop_
_audit_author.name 
_audit_author.pdbx_ordinal 
'Gessmann, R.' 1 
'Axford, D.'   2 
'Petratos, K.' 3 
# 
_citation.id                        primary 
_citation.title                     
;Four complete turns of a curved 310-helix at atomic resolution: The crystal structure of the peptaibol trichovirin I-4A in polar environment suggests a transition to alpha-helix for membrane function
;
_citation.journal_abbrev            'Acta Crystallogr.,Sect.D' 
_citation.journal_volume            68 
_citation.page_first                109 
_citation.page_last                 116 
_citation.year                      2012 
_citation.journal_id_ASTM           ABCRE6 
_citation.country                   DK 
_citation.journal_id_ISSN           0907-4449 
_citation.journal_id_CSD            0766 
_citation.book_publisher            ? 
_citation.pdbx_database_id_PubMed   22281739 
_citation.pdbx_database_id_DOI      10.1107/S090744491105133X 
# 
loop_
_citation_author.citation_id 
_citation_author.name 
_citation_author.ordinal 
_citation_author.identifier_ORCID 
primary 'Gessmann, R.' 1 ? 
primary 'Axford, D.'   2 ? 
primary 'Owen, R.L.'   3 ? 
primary 'Bruckner, H.' 4 ? 
primary 'Petratos, K.' 5 ? 
# 
_cell.entry_id           3SBN 
_cell.length_a           24.284 
_cell.length_b           9.896 
_cell.length_c           37.567 
_cell.angle_alpha        90.00 
_cell.angle_beta         97.15 
_cell.angle_gamma        90.00 
_cell.Z_PDB              4 
_cell.pdbx_unique_axis   ? 
_cell.length_a_esd       ? 
_cell.length_b_esd       ? 
_cell.length_c_esd       ? 
_cell.angle_alpha_esd    ? 
_cell.angle_beta_esd     ? 
_cell.angle_gamma_esd    ? 
# 
_symmetry.entry_id                         3SBN 
_symmetry.space_group_name_H-M             'P 1 21 1' 
_symmetry.pdbx_full_space_group_name_H-M   ? 
_symmetry.cell_setting                     ? 
_symmetry.Int_Tables_number                4 
_symmetry.space_group_name_Hall            ? 
# 
loop_
_entity.id 
_entity.type 
_entity.src_method 
_entity.pdbx_description 
_entity.formula_weight 
_entity.pdbx_number_of_molecules 
_entity.pdbx_ec 
_entity.pdbx_mutation 
_entity.pdbx_fragment 
_entity.details 
1 polymer     nat 'Trichovirin I-4A' 1370.722 2  ? ? ? ? 
2 non-polymer syn ACETONITRILE       41.052   2  ? ? ? ? 
3 non-polymer syn METHANOL           32.042   2  ? ? ? ? 
4 water       nat water              18.015   16 ? ? ? ? 
# 
_entity_poly.entity_id                      1 
_entity_poly.type                           'polypeptide(L)' 
_entity_poly.nstd_linkage                   no 
_entity_poly.nstd_monomer                   yes 
_entity_poly.pdbx_seq_one_letter_code       '(ACE)(AIB)NL(AIB)PAV(AIB)P(AIB)L(AIB)P(DCL)' 
_entity_poly.pdbx_seq_one_letter_code_can   XANLAPAVAPALAPX 
_entity_poly.pdbx_strand_id                 A,B 
_entity_poly.pdbx_target_identifier         ? 
# 
loop_
_entity_poly_seq.entity_id 
_entity_poly_seq.num 
_entity_poly_seq.mon_id 
_entity_poly_seq.hetero 
1 1  ACE n 
1 2  AIB n 
1 3  ASN n 
1 4  LEU n 
1 5  AIB n 
1 6  PRO n 
1 7  ALA n 
1 8  VAL n 
1 9  AIB n 
1 10 PRO n 
1 11 AIB n 
1 12 LEU n 
1 13 AIB n 
1 14 PRO n 
1 15 DCL n 
# 
_entity_src_nat.entity_id                  1 
_entity_src_nat.pdbx_src_id                1 
_entity_src_nat.pdbx_alt_source_flag       sample 
_entity_src_nat.pdbx_beg_seq_num           ? 
_entity_src_nat.pdbx_end_seq_num           ? 
_entity_src_nat.common_name                'Trichoderma viride' 
_entity_src_nat.pdbx_organism_scientific   'Hypocrea rufa' 
_entity_src_nat.pdbx_ncbi_taxonomy_id      5547 
_entity_src_nat.genus                      ? 
_entity_src_nat.species                    ? 
_entity_src_nat.strain                     'NRRL 5243' 
_entity_src_nat.tissue                     ? 
_entity_src_nat.tissue_fraction            ? 
_entity_src_nat.pdbx_secretion             ? 
_entity_src_nat.pdbx_fragment              ? 
_entity_src_nat.pdbx_variant               ? 
_entity_src_nat.pdbx_cell_line             ? 
_entity_src_nat.pdbx_atcc                  ? 
_entity_src_nat.pdbx_cellular_location     ? 
_entity_src_nat.pdbx_organ                 ? 
_entity_src_nat.pdbx_organelle             ? 
_entity_src_nat.pdbx_cell                  ? 
_entity_src_nat.pdbx_plasmid_name          ? 
_entity_src_nat.pdbx_plasmid_details       ? 
_entity_src_nat.details                    'Equivalent to Harzianin HC-VI from Trichoderma harzianum' 
# 
_struct_ref.id                         1 
_struct_ref.db_name                    NOR 
_struct_ref.db_code                    NOR00990 
_struct_ref.entity_id                  1 
_struct_ref.pdbx_seq_one_letter_code   XXNLXPAVXPXLXPX 
_struct_ref.pdbx_align_begin           1 
_struct_ref.pdbx_db_accession          NOR00990 
_struct_ref.pdbx_db_isoform            ? 
# 
loop_
_struct_ref_seq.align_id 
_struct_ref_seq.ref_id 
_struct_ref_seq.pdbx_PDB_id_code 
_struct_ref_seq.pdbx_strand_id 
_struct_ref_seq.seq_align_beg 
_struct_ref_seq.pdbx_seq_align_beg_ins_code 
_struct_ref_seq.seq_align_end 
_struct_ref_seq.pdbx_seq_align_end_ins_code 
_struct_ref_seq.pdbx_db_accession 
_struct_ref_seq.db_align_beg 
_struct_ref_seq.pdbx_db_align_beg_ins_code 
_struct_ref_seq.db_align_end 
_struct_ref_seq.pdbx_db_align_end_ins_code 
_struct_ref_seq.pdbx_auth_seq_align_beg 
_struct_ref_seq.pdbx_auth_seq_align_end 
1 1 3SBN A 1 ? 15 ? NOR00990 1 ? 15 ? 0  14 
2 1 3SBN B 1 ? 15 ? NOR00990 1 ? 15 ? 20 34 
# 
loop_
_chem_comp.id 
_chem_comp.type 
_chem_comp.mon_nstd_flag 
_chem_comp.name 
_chem_comp.pdbx_synonyms 
_chem_comp.formula 
_chem_comp.formula_weight 
ACE non-polymer         . 'ACETYL GROUP'               ?        'C2 H4 O'     44.053  
AIB 'L-peptide linking' n 'ALPHA-AMINOISOBUTYRIC ACID' ?        'C4 H9 N O2'  103.120 
ALA 'L-peptide linking' y ALANINE                      ?        'C3 H7 N O2'  89.093  
ASN 'L-peptide linking' y ASPARAGINE                   ?        'C4 H8 N2 O3' 132.118 
CCN non-polymer         . ACETONITRILE                 ?        'C2 H3 N'     41.052  
DCL peptide-like        . 2-AMINO-4-METHYL-PENTAN-1-OL LEUCINOL 'C6 H15 N O'  117.189 
HOH non-polymer         . WATER                        ?        'H2 O'        18.015  
LEU 'L-peptide linking' y LEUCINE                      ?        'C6 H13 N O2' 131.173 
MOH non-polymer         . METHANOL                     ?        'C H4 O'      32.042  
PRO 'L-peptide linking' y PROLINE                      ?        'C5 H9 N O2'  115.130 
VAL 'L-peptide linking' y VALINE                       ?        'C5 H11 N O2' 117.146 
# 
_exptl.entry_id          3SBN 
_exptl.method            'X-RAY DIFFRACTION' 
_exptl.crystals_number   1 
# 
_exptl_crystal.id                    1 
_exptl_crystal.density_meas          ? 
_exptl_crystal.density_Matthews      1.61 
_exptl_crystal.density_percent_sol   23.80 
_exptl_crystal.description           ? 
_exptl_crystal.F_000                 ? 
_exptl_crystal.preparation           ? 
# 
_exptl_crystal_grow.crystal_id      1 
_exptl_crystal_grow.method          ? 
_exptl_crystal_grow.temp            293 
_exptl_crystal_grow.temp_details    ? 
_exptl_crystal_grow.pH              7.0 
_exptl_crystal_grow.pdbx_pH_range   ? 
_exptl_crystal_grow.pdbx_details    'methanol, acetonitrile, water, pH 7.0, VAPOR DIFFUSION, temperature 293K' 
# 
_diffrn.id                     1 
_diffrn.ambient_temp           100 
_diffrn.ambient_temp_details   ? 
_diffrn.crystal_id             1 
# 
_diffrn_detector.diffrn_id              1 
_diffrn_detector.detector               PIXEL 
_diffrn_detector.type                   'DECTRIS PILATUS 6M' 
_diffrn_detector.pdbx_collection_date   2009-10-19 
_diffrn_detector.details                
;OXFORD DANFYSIK/SESO TWO STAGE DEMAGNIFICATION USING TWO K-B PAIRS OF BIMORPH T
YPE MIRRORS
;
# 
_diffrn_radiation.diffrn_id                        1 
_diffrn_radiation.wavelength_id                    1 
_diffrn_radiation.pdbx_monochromatic_or_laue_m_l   M 
_diffrn_radiation.monochromator                    'ACCEL FIXED EXIT DOUBLE CRYSTAL' 
_diffrn_radiation.pdbx_diffrn_protocol             'SINGLE WAVELENGTH' 
_diffrn_radiation.pdbx_scattering_type             x-ray 
# 
_diffrn_radiation_wavelength.id           1 
_diffrn_radiation_wavelength.wavelength   0.7469 
_diffrn_radiation_wavelength.wt           1.0 
# 
_diffrn_source.diffrn_id                   1 
_diffrn_source.source                      SYNCHROTRON 
_diffrn_source.type                        'DIAMOND BEAMLINE I24' 
_diffrn_source.pdbx_synchrotron_site       Diamond 
_diffrn_source.pdbx_synchrotron_beamline   I24 
_diffrn_source.pdbx_wavelength             0.7469 
_diffrn_source.pdbx_wavelength_list        ? 
# 
_reflns.pdbx_diffrn_id               1 
_reflns.pdbx_ordinal                 1 
_reflns.entry_id                     3SBN 
_reflns.observed_criterion_sigma_I   0.000 
_reflns.observed_criterion_sigma_F   ? 
_reflns.d_resolution_low             37.300 
_reflns.d_resolution_high            0.900 
_reflns.number_obs                   13524 
_reflns.number_all                   ? 
_reflns.percent_possible_obs         98.4 
_reflns.pdbx_Rmerge_I_obs            ? 
_reflns.pdbx_Rsym_value              ? 
_reflns.pdbx_netI_over_sigmaI        13.2000 
_reflns.B_iso_Wilson_estimate        6.15 
_reflns.pdbx_redundancy              6.400 
_reflns.R_free_details               ? 
_reflns.limit_h_max                  ? 
_reflns.limit_h_min                  ? 
_reflns.limit_k_max                  ? 
_reflns.limit_k_min                  ? 
_reflns.limit_l_max                  ? 
_reflns.limit_l_min                  ? 
_reflns.observed_criterion_F_max     ? 
_reflns.observed_criterion_F_min     ? 
_reflns.pdbx_chi_squared             ? 
_reflns.pdbx_scaling_rejects         ? 
# 
_reflns_shell.pdbx_diffrn_id         1 
_reflns_shell.pdbx_ordinal           1 
_reflns_shell.d_res_high             0.90 
_reflns_shell.d_res_low              0.95 
_reflns_shell.percent_possible_all   91.6 
_reflns_shell.Rmerge_I_obs           ? 
_reflns_shell.pdbx_Rsym_value        ? 
_reflns_shell.meanI_over_sigI_obs    3.1 
_reflns_shell.pdbx_redundancy        6.20 
_reflns_shell.percent_possible_obs   ? 
_reflns_shell.number_unique_all      ? 
_reflns_shell.number_measured_all    ? 
_reflns_shell.number_measured_obs    ? 
_reflns_shell.number_unique_obs      ? 
_reflns_shell.pdbx_chi_squared       ? 
# 
_refine.pdbx_refine_id                           'X-RAY DIFFRACTION' 
_refine.entry_id                                 3SBN 
_refine.pdbx_diffrn_id                           1 
_refine.pdbx_TLS_residual_ADP_flag               ? 
_refine.ls_number_reflns_obs                     ? 
_refine.ls_number_reflns_all                     13524 
_refine.pdbx_ls_sigma_I                          ? 
_refine.pdbx_ls_sigma_F                          0.000 
_refine.pdbx_data_cutoff_high_absF               ? 
_refine.pdbx_data_cutoff_low_absF                ? 
_refine.pdbx_data_cutoff_high_rms_absF           ? 
_refine.ls_d_res_low                             37.30 
_refine.ls_d_res_high                            0.90 
_refine.ls_percent_reflns_obs                    98.4 
_refine.ls_R_factor_obs                          0.102 
_refine.ls_R_factor_all                          ? 
_refine.ls_R_factor_R_work                       ? 
_refine.ls_R_factor_R_free                       0.128 
_refine.ls_R_factor_R_free_error                 ? 
_refine.ls_R_factor_R_free_error_details         ? 
_refine.ls_percent_reflns_R_free                 5.000 
_refine.ls_number_reflns_R_free                  679 
_refine.ls_number_parameters                     2134 
_refine.ls_number_restraints                     2263 
_refine.occupancy_min                            ? 
_refine.occupancy_max                            ? 
_refine.correlation_coeff_Fo_to_Fc               ? 
_refine.correlation_coeff_Fo_to_Fc_free          ? 
_refine.B_iso_mean                               ? 
_refine.aniso_B[1][1]                            ? 
_refine.aniso_B[2][2]                            ? 
_refine.aniso_B[3][3]                            ? 
_refine.aniso_B[1][2]                            ? 
_refine.aniso_B[1][3]                            ? 
_refine.aniso_B[2][3]                            ? 
_refine.solvent_model_details                    ? 
_refine.solvent_model_param_ksol                 ? 
_refine.solvent_model_param_bsol                 ? 
_refine.pdbx_solvent_vdw_probe_radii             ? 
_refine.pdbx_solvent_ion_probe_radii             ? 
_refine.pdbx_solvent_shrinkage_radii             ? 
_refine.pdbx_ls_cross_valid_method               ? 
_refine.details                                  ? 
_refine.pdbx_starting_model                      ? 
_refine.pdbx_method_to_determine_struct          'DIRECT METHODS' 
_refine.pdbx_isotropic_thermal_model             ? 
_refine.pdbx_stereochemistry_target_values       'ENGH & HUBER' 
_refine.pdbx_stereochem_target_val_spec_case     ? 
_refine.pdbx_R_Free_selection_details            RANDOM 
_refine.pdbx_overall_ESU_R                       ? 
_refine.pdbx_overall_ESU_R_Free                  ? 
_refine.overall_SU_ML                            ? 
_refine.pdbx_overall_phase_error                 ? 
_refine.overall_SU_B                             ? 
_refine.overall_SU_R_Cruickshank_DPI             ? 
_refine.pdbx_overall_SU_R_free_Cruickshank_DPI   ? 
_refine.pdbx_overall_SU_R_Blow_DPI               ? 
_refine.pdbx_overall_SU_R_free_Blow_DPI          ? 
_refine.ls_redundancy_reflns_obs                 ? 
_refine.B_iso_min                                ? 
_refine.B_iso_max                                ? 
_refine.overall_SU_R_free                        ? 
_refine.ls_wR_factor_R_free                      ? 
_refine.ls_wR_factor_R_work                      ? 
_refine.overall_FOM_free_R_set                   ? 
_refine.overall_FOM_work_R_set                   ? 
# 
_refine_analyze.pdbx_refine_id                  'X-RAY DIFFRACTION' 
_refine_analyze.entry_id                        3SBN 
_refine_analyze.Luzzati_coordinate_error_obs    ? 
_refine_analyze.Luzzati_sigma_a_obs             ? 
_refine_analyze.Luzzati_d_res_low_obs           ? 
_refine_analyze.Luzzati_coordinate_error_free   ? 
_refine_analyze.Luzzati_sigma_a_free            ? 
_refine_analyze.Luzzati_d_res_low_free          ? 
_refine_analyze.number_disordered_residues      4 
_refine_analyze.occupancy_sum_hydrogen          230.00 
_refine_analyze.occupancy_sum_non_hydrogen      212.50 
_refine_analyze.pdbx_Luzzati_d_res_high_obs     ? 
# 
_refine_hist.pdbx_refine_id                   'X-RAY DIFFRACTION' 
_refine_hist.cycle_id                         LAST 
_refine_hist.pdbx_number_atoms_protein        196 
_refine_hist.pdbx_number_atoms_nucleic_acid   0 
_refine_hist.pdbx_number_atoms_ligand         10 
_refine_hist.number_atoms_solvent             16 
_refine_hist.number_atoms_total               222 
_refine_hist.d_res_high                       0.90 
_refine_hist.d_res_low                        37.30 
# 
loop_
_refine_ls_restr.type 
_refine_ls_restr.dev_ideal 
_refine_ls_restr.dev_ideal_target 
_refine_ls_restr.weight 
_refine_ls_restr.number 
_refine_ls_restr.pdbx_refine_id 
_refine_ls_restr.pdbx_restraint_function 
s_bond_d               0.045 ? ? ? 'X-RAY DIFFRACTION' ? 
s_angle_d              0.076 ? ? ? 'X-RAY DIFFRACTION' ? 
s_similar_dist         ?     ? ? ? 'X-RAY DIFFRACTION' ? 
s_from_restr_planes    ?     ? ? ? 'X-RAY DIFFRACTION' ? 
s_zero_chiral_vol      ?     ? ? ? 'X-RAY DIFFRACTION' ? 
s_non_zero_chiral_vol  ?     ? ? ? 'X-RAY DIFFRACTION' ? 
s_anti_bump_dis_restr  ?     ? ? ? 'X-RAY DIFFRACTION' ? 
s_rigid_bond_adp_cmpnt ?     ? ? ? 'X-RAY DIFFRACTION' ? 
s_similar_adp_cmpnt    ?     ? ? ? 'X-RAY DIFFRACTION' ? 
s_approx_iso_adps      ?     ? ? ? 'X-RAY DIFFRACTION' ? 
# 
_pdbx_refine.pdbx_refine_id                              'X-RAY DIFFRACTION' 
_pdbx_refine.entry_id                                    3SBN 
_pdbx_refine.R_factor_all_no_cutoff                      ? 
_pdbx_refine.R_factor_obs_no_cutoff                      0.102 
_pdbx_refine.free_R_factor_no_cutoff                     0.128 
_pdbx_refine.free_R_error_no_cutoff                      ? 
_pdbx_refine.free_R_val_test_set_size_perc_no_cutoff     5.000 
_pdbx_refine.free_R_val_test_set_ct_no_cutoff            679 
_pdbx_refine.R_factor_all_4sig_cutoff                    ? 
_pdbx_refine.R_factor_obs_4sig_cutoff                    0.096 
_pdbx_refine.free_R_factor_4sig_cutoff                   0.122 
_pdbx_refine.free_R_val_test_set_size_perc_4sig_cutoff   ? 
_pdbx_refine.free_R_val_test_set_ct_4sig_cutoff          599 
_pdbx_refine.number_reflns_obs_4sig_cutoff               11128 
# 
_struct.entry_id                  3SBN 
_struct.title                     'trichovirin I-4A in polar environment at 0.9 Angstroem' 
_struct.pdbx_model_details        ? 
_struct.pdbx_CASP_flag            ? 
_struct.pdbx_model_type_details   ? 
# 
_struct_keywords.entry_id        3SBN 
_struct_keywords.pdbx_keywords   ANTIBIOTIC 
_struct_keywords.text            'curved 310-helix, 3-10 HELIX, peptide antibiotic, ANTIBIOTIC' 
# 
loop_
_struct_asym.id 
_struct_asym.pdbx_blank_PDB_chainid_flag 
_struct_asym.pdbx_modified 
_struct_asym.entity_id 
_struct_asym.details 
A N N 1 ? 
B N N 1 ? 
C N N 2 ? 
D N N 2 ? 
E N N 3 ? 
F N N 3 ? 
G N N 4 ? 
H N N 4 ? 
# 
_struct_biol.id        1 
_struct_biol.details   
;Author states that the biologically significant oligomerization state in apolar environment is not represented in the monomeric structure. The stoichiometry of the  oligomer in the membrane is unknown.
;
# 
loop_
_struct_conf.conf_type_id 
_struct_conf.id 
_struct_conf.pdbx_PDB_helix_id 
_struct_conf.beg_label_comp_id 
_struct_conf.beg_label_asym_id 
_struct_conf.beg_label_seq_id 
_struct_conf.pdbx_beg_PDB_ins_code 
_struct_conf.end_label_comp_id 
_struct_conf.end_label_asym_id 
_struct_conf.end_label_seq_id 
_struct_conf.pdbx_end_PDB_ins_code 
_struct_conf.beg_auth_comp_id 
_struct_conf.beg_auth_asym_id 
_struct_conf.beg_auth_seq_id 
_struct_conf.end_auth_comp_id 
_struct_conf.end_auth_asym_id 
_struct_conf.end_auth_seq_id 
_struct_conf.pdbx_PDB_helix_class 
_struct_conf.details 
_struct_conf.pdbx_PDB_helix_length 
HELX_P HELX_P1 1 LEU A 4 ? AIB A 13 ? LEU A 3  AIB A 12 5 ? 10 
HELX_P HELX_P2 2 LEU B 4 ? AIB B 13 ? LEU B 23 AIB B 32 5 ? 10 
# 
_struct_conf_type.id          HELX_P 
_struct_conf_type.criteria    ? 
_struct_conf_type.reference   ? 
# 
loop_
_struct_conn.id 
_struct_conn.conn_type_id 
_struct_conn.pdbx_leaving_atom_flag 
_struct_conn.pdbx_PDB_id 
_struct_conn.ptnr1_label_asym_id 
_struct_conn.ptnr1_label_comp_id 
_struct_conn.ptnr1_label_seq_id 
_struct_conn.ptnr1_label_atom_id 
_struct_conn.pdbx_ptnr1_label_alt_id 
_struct_conn.pdbx_ptnr1_PDB_ins_code 
_struct_conn.pdbx_ptnr1_standard_comp_id 
_struct_conn.ptnr1_symmetry 
_struct_conn.ptnr2_label_asym_id 
_struct_conn.ptnr2_label_comp_id 
_struct_conn.ptnr2_label_seq_id 
_struct_conn.ptnr2_label_atom_id 
_struct_conn.pdbx_ptnr2_label_alt_id 
_struct_conn.pdbx_ptnr2_PDB_ins_code 
_struct_conn.ptnr1_auth_asym_id 
_struct_conn.ptnr1_auth_comp_id 
_struct_conn.ptnr1_auth_seq_id 
_struct_conn.ptnr2_auth_asym_id 
_struct_conn.ptnr2_auth_comp_id 
_struct_conn.ptnr2_auth_seq_id 
_struct_conn.ptnr2_symmetry 
_struct_conn.pdbx_ptnr3_label_atom_id 
_struct_conn.pdbx_ptnr3_label_seq_id 
_struct_conn.pdbx_ptnr3_label_comp_id 
_struct_conn.pdbx_ptnr3_label_asym_id 
_struct_conn.pdbx_ptnr3_label_alt_id 
_struct_conn.pdbx_ptnr3_PDB_ins_code 
_struct_conn.details 
_struct_conn.pdbx_dist_value 
_struct_conn.pdbx_value_order 
_struct_conn.pdbx_role 
covale1  covale both ? A ACE 1  C ? ? ? 1_555 A AIB 2  N ? ? A ACE 0  A AIB 1  1_555 ? ? ? ? ? ? ? 1.334 sing ? 
covale2  covale both ? A AIB 2  C ? ? ? 1_555 A ASN 3  N ? ? A AIB 1  A ASN 2  1_555 ? ? ? ? ? ? ? 1.336 sing ? 
covale3  covale both ? A LEU 4  C ? ? ? 1_555 A AIB 5  N ? ? A LEU 3  A AIB 4  1_555 ? ? ? ? ? ? ? 1.347 sing ? 
covale4  covale both ? A AIB 5  C ? ? ? 1_555 A PRO 6  N ? ? A AIB 4  A PRO 5  1_555 ? ? ? ? ? ? ? 1.342 sing ? 
covale5  covale both ? A VAL 8  C ? ? ? 1_555 A AIB 9  N ? ? A VAL 7  A AIB 8  1_555 ? ? ? ? ? ? ? 1.301 sing ? 
covale6  covale both ? A AIB 9  C ? ? ? 1_555 A PRO 10 N ? ? A AIB 8  A PRO 9  1_555 ? ? ? ? ? ? ? 1.334 sing ? 
covale7  covale both ? A PRO 10 C ? ? ? 1_555 A AIB 11 N ? ? A PRO 9  A AIB 10 1_555 ? ? ? ? ? ? ? 1.328 sing ? 
covale8  covale both ? A AIB 11 C ? ? ? 1_555 A LEU 12 N ? ? A AIB 10 A LEU 11 1_555 ? ? ? ? ? ? ? 1.346 sing ? 
covale9  covale both ? A LEU 12 C ? ? ? 1_555 A AIB 13 N ? ? A LEU 11 A AIB 12 1_555 ? ? ? ? ? ? ? 1.313 sing ? 
covale10 covale both ? A AIB 13 C ? ? ? 1_555 A PRO 14 N ? ? A AIB 12 A PRO 13 1_555 ? ? ? ? ? ? ? 1.306 sing ? 
covale11 covale both ? A PRO 14 C ? ? ? 1_555 A DCL 15 N ? ? A PRO 13 A DCL 14 1_555 ? ? ? ? ? ? ? 1.272 sing ? 
covale12 covale both ? B ACE 1  C ? ? ? 1_555 B AIB 2  N ? ? B ACE 20 B AIB 21 1_555 ? ? ? ? ? ? ? 1.296 sing ? 
covale13 covale both ? B AIB 2  C ? ? ? 1_555 B ASN 3  N ? ? B AIB 21 B ASN 22 1_555 ? ? ? ? ? ? ? 1.363 sing ? 
covale14 covale both ? B LEU 4  C ? ? ? 1_555 B AIB 5  N ? ? B LEU 23 B AIB 24 1_555 ? ? ? ? ? ? ? 1.363 sing ? 
covale15 covale both ? B AIB 5  C ? ? ? 1_555 B PRO 6  N ? ? B AIB 24 B PRO 25 1_555 ? ? ? ? ? ? ? 1.316 sing ? 
covale16 covale both ? B VAL 8  C ? ? ? 1_555 B AIB 9  N ? ? B VAL 27 B AIB 28 1_555 ? ? ? ? ? ? ? 1.330 sing ? 
covale17 covale both ? B AIB 9  C ? ? ? 1_555 B PRO 10 N ? ? B AIB 28 B PRO 29 1_555 ? ? ? ? ? ? ? 1.314 sing ? 
covale18 covale both ? B PRO 10 C ? ? ? 1_555 B AIB 11 N ? ? B PRO 29 B AIB 30 1_555 ? ? ? ? ? ? ? 1.330 sing ? 
covale19 covale both ? B AIB 11 C ? ? ? 1_555 B LEU 12 N ? ? B AIB 30 B LEU 31 1_555 ? ? ? ? ? ? ? 1.323 sing ? 
covale20 covale both ? B LEU 12 C ? ? ? 1_555 B AIB 13 N ? ? B LEU 31 B AIB 32 1_555 ? ? ? ? ? ? ? 1.262 sing ? 
covale21 covale both ? B AIB 13 C ? ? ? 1_555 B PRO 14 N ? ? B AIB 32 B PRO 33 1_555 ? ? ? ? ? ? ? 1.357 sing ? 
covale22 covale both ? B PRO 14 C ? ? ? 1_555 B DCL 15 N ? ? B PRO 33 B DCL 34 1_555 ? ? ? ? ? ? ? 1.310 sing ? 
# 
_struct_conn_type.id          covale 
_struct_conn_type.criteria    ? 
_struct_conn_type.reference   ? 
# 
loop_
_struct_site.id 
_struct_site.pdbx_evidence_code 
_struct_site.pdbx_auth_asym_id 
_struct_site.pdbx_auth_comp_id 
_struct_site.pdbx_auth_seq_id 
_struct_site.pdbx_auth_ins_code 
_struct_site.pdbx_num_residues 
_struct_site.details 
AC1 Software A CCN 74 ? 1 'BINDING SITE FOR RESIDUE CCN A 74' 
AC2 Software A CCN 75 ? 2 'BINDING SITE FOR RESIDUE CCN A 75' 
# 
loop_
_struct_site_gen.id 
_struct_site_gen.site_id 
_struct_site_gen.pdbx_num_res 
_struct_site_gen.label_comp_id 
_struct_site_gen.label_asym_id 
_struct_site_gen.label_seq_id 
_struct_site_gen.pdbx_auth_ins_code 
_struct_site_gen.auth_comp_id 
_struct_site_gen.auth_asym_id 
_struct_site_gen.auth_seq_id 
_struct_site_gen.label_atom_id 
_struct_site_gen.label_alt_id 
_struct_site_gen.symmetry 
_struct_site_gen.details 
1 AC1 1 CCN D . ? CCN A 75 . ? 1_555 ? 
2 AC2 2 ACE A 1 ? ACE A 0  . ? 1_555 ? 
3 AC2 2 CCN C . ? CCN A 74 . ? 1_555 ? 
# 
_atom_sites.entry_id                    3SBN 
_atom_sites.fract_transf_matrix[1][1]   0.02195489 
_atom_sites.fract_transf_matrix[1][2]   -0.01776931 
_atom_sites.fract_transf_matrix[1][3]   -0.03040776 
_atom_sites.fract_transf_matrix[2][1]   0.07866006 
_atom_sites.fract_transf_matrix[2][2]   0.05948493 
_atom_sites.fract_transf_matrix[2][3]   0.02203277 
_atom_sites.fract_transf_matrix[3][1]   0.01076264 
_atom_sites.fract_transf_matrix[3][2]   -0.01968218 
_atom_sites.fract_transf_matrix[3][3]   0.01471459 
_atom_sites.fract_transf_vector[1]      0.761477 
_atom_sites.fract_transf_vector[2]      0.059151 
_atom_sites.fract_transf_vector[3]      0.749214 
# 
loop_
_atom_type.symbol 
C 
H 
N 
O 
# 
loop_
_atom_site.group_PDB 
_atom_site.id 
_atom_site.type_symbol 
_atom_site.label_atom_id 
_atom_site.label_alt_id 
_atom_site.label_comp_id 
_atom_site.label_asym_id 
_atom_site.label_entity_id 
_atom_site.label_seq_id 
_atom_site.pdbx_PDB_ins_code 
_atom_site.Cartn_x 
_atom_site.Cartn_y 
_atom_site.Cartn_z 
_atom_site.occupancy 
_atom_site.B_iso_or_equiv 
_atom_site.pdbx_formal_charge 
_atom_site.auth_seq_id 
_atom_site.auth_comp_id 
_atom_site.auth_asym_id 
_atom_site.auth_atom_id 
_atom_site.pdbx_PDB_model_num 
HETATM 1   C C    . ACE A 1 1  ? 5.764   -11.693 -10.310 1.00 14.99 ? 0  ACE A C    1 
HETATM 2   O O    . ACE A 1 1  ? 5.368   -11.556 -9.135  1.00 13.62 ? 0  ACE A O    1 
HETATM 3   C CH3  . ACE A 1 1  ? 6.155   -13.033 -10.813 1.00 19.02 ? 0  ACE A CH3  1 
HETATM 4   H H1   . ACE A 1 1  ? 6.873   -13.379 -10.278 1.00 28.54 ? 0  ACE A H1   1 
HETATM 5   H H2   . ACE A 1 1  ? 6.442   -12.961 -11.727 1.00 28.54 ? 0  ACE A H2   1 
HETATM 6   H H3   . ACE A 1 1  ? 5.403   -13.627 -10.760 1.00 28.54 ? 0  ACE A H3   1 
HETATM 7   N N    . AIB A 1 2  ? 5.644   -10.734 -11.229 1.00 13.24 ? 1  AIB A N    1 
HETATM 8   C CA   . AIB A 1 2  ? 5.270   -9.412  -10.903 1.00 12.71 ? 1  AIB A CA   1 
HETATM 9   C C    . AIB A 1 2  ? 3.902   -9.355  -10.193 1.00 10.21 ? 1  AIB A C    1 
HETATM 10  O O    . AIB A 1 2  ? 3.616   -8.495  -9.343  1.00 9.83  ? 1  AIB A O    1 
HETATM 11  C CB1  . AIB A 1 2  ? 5.100   -8.653  -12.230 1.00 17.04 ? 1  AIB A CB1  1 
HETATM 12  C CB2  . AIB A 1 2  ? 6.344   -8.791  -9.963  1.00 14.91 ? 1  AIB A CB2  1 
HETATM 13  H H    . AIB A 1 2  ? 5.801   -10.928 -12.052 1.00 15.89 ? 1  AIB A H    1 
HETATM 14  H HB11 . AIB A 1 2  ? 4.427   -9.085  -12.762 1.00 25.56 ? 1  AIB A HB11 1 
HETATM 15  H HB12 . AIB A 1 2  ? 5.933   -8.652  -12.707 1.00 25.56 ? 1  AIB A HB12 1 
HETATM 16  H HB13 . AIB A 1 2  ? 4.833   -7.749  -12.050 1.00 25.56 ? 1  AIB A HB13 1 
HETATM 17  H HB21 . AIB A 1 2  ? 6.400   -9.308  -9.156  1.00 22.36 ? 1  AIB A HB21 1 
HETATM 18  H HB22 . AIB A 1 2  ? 6.098   -7.888  -9.749  1.00 22.36 ? 1  AIB A HB22 1 
HETATM 19  H HB23 . AIB A 1 2  ? 7.196   -8.793  -10.405 1.00 22.36 ? 1  AIB A HB23 1 
ATOM   20  N N    . ASN A 1 3  ? 2.992   -10.273 -10.531 1.00 11.01 ? 2  ASN A N    1 
ATOM   21  C CA   . ASN A 1 3  ? 1.636   -10.287 -9.915  1.00 11.09 ? 2  ASN A CA   1 
ATOM   22  C C    . ASN A 1 3  ? 1.671   -10.499 -8.426  1.00 9.73  ? 2  ASN A C    1 
ATOM   23  O O    . ASN A 1 3  ? 0.696   -10.212 -7.739  1.00 10.02 ? 2  ASN A O    1 
ATOM   24  C CB   . ASN A 1 3  ? 0.626   -11.396 -10.513 1.00 13.90 ? 2  ASN A CB   1 
ATOM   25  C CG   . ASN A 1 3  ? 0.499   -11.391 -11.927 1.00 14.85 ? 2  ASN A CG   1 
ATOM   26  O OD1  . ASN A 1 3  ? 1.565   -11.876 -12.597 1.00 20.96 ? 2  ASN A OD1  1 
ATOM   27  N ND2  . ASN A 1 3  ? -0.527  -10.854 -12.500 1.00 19.04 ? 2  ASN A ND2  1 
ATOM   28  H H    . ASN A 1 3  ? 3.194   -10.869 -11.118 1.00 13.21 ? 2  ASN A H    1 
ATOM   29  H HA   . ASN A 1 3  ? 1.232   -9.409  -10.076 1.00 13.31 ? 2  ASN A HA   1 
ATOM   30  H HB2  . ASN A 1 3  ? 0.931   -12.273 -10.234 1.00 16.69 ? 2  ASN A HB2  1 
ATOM   31  H HB3  . ASN A 1 3  ? -0.252  -11.254 -10.124 1.00 16.69 ? 2  ASN A HB3  1 
ATOM   32  H HD21 . ASN A 1 3  ? -1.181  -10.560 -12.025 1.00 22.84 ? 2  ASN A HD21 1 
ATOM   33  H HD22 . ASN A 1 3  ? -0.556  -10.791 -13.358 1.00 22.84 ? 2  ASN A HD22 1 
ATOM   34  N N    . LEU A 1 4  ? 2.807   -11.013 -7.908  1.00 7.38  ? 3  LEU A N    1 
ATOM   35  C CA   . LEU A 1 4  ? 2.954   -11.277 -6.533  1.00 6.97  ? 3  LEU A CA   1 
ATOM   36  C C    . LEU A 1 4  ? 3.580   -10.101 -5.731  1.00 6.42  ? 3  LEU A C    1 
ATOM   37  O O    . LEU A 1 4  ? 3.708   -10.172 -4.547  1.00 7.00  ? 3  LEU A O    1 
ATOM   38  C CB   . LEU A 1 4  ? 3.736   -12.518 -6.292  1.00 7.60  ? 3  LEU A CB   1 
ATOM   39  C CG   . LEU A 1 4  ? 3.224   -13.755 -7.009  1.00 9.17  ? 3  LEU A CG   1 
ATOM   40  C CD1  . LEU A 1 4  ? 4.053   -14.961 -6.679  1.00 14.12 ? 3  LEU A CD1  1 
ATOM   41  C CD2  . LEU A 1 4  ? 1.784   -14.063 -6.665  1.00 11.41 ? 3  LEU A CD2  1 
ATOM   42  H H    . LEU A 1 4  ? 3.463   -11.186 -8.436  1.00 8.86  ? 3  LEU A H    1 
ATOM   43  H HA   . LEU A 1 4  ? 2.056   -11.428 -6.171  1.00 8.36  ? 3  LEU A HA   1 
ATOM   44  H HB2  . LEU A 1 4  ? 4.654   -12.360 -6.566  1.00 9.12  ? 3  LEU A HB2  1 
ATOM   45  H HB3  . LEU A 1 4  ? 3.743   -12.697 -5.339  1.00 9.12  ? 3  LEU A HB3  1 
ATOM   46  H HG   . LEU A 1 4  ? 3.283   -13.596 -7.975  1.00 11.00 ? 3  LEU A HG   1 
ATOM   47  H HD11 . LEU A 1 4  ? 4.973   -14.787 -6.893  1.00 21.19 ? 3  LEU A HD11 1 
ATOM   48  H HD12 . LEU A 1 4  ? 3.742   -15.712 -7.190  1.00 21.19 ? 3  LEU A HD12 1 
ATOM   49  H HD13 . LEU A 1 4  ? 3.973   -15.156 -5.743  1.00 21.19 ? 3  LEU A HD13 1 
ATOM   50  H HD21 . LEU A 1 4  ? 1.487   -14.819 -7.176  1.00 17.11 ? 3  LEU A HD21 1 
ATOM   51  H HD22 . LEU A 1 4  ? 1.237   -13.301 -6.870  1.00 17.11 ? 3  LEU A HD22 1 
ATOM   52  H HD23 . LEU A 1 4  ? 1.716   -14.263 -5.728  1.00 17.11 ? 3  LEU A HD23 1 
HETATM 53  N N    . AIB A 1 5  ? 3.817   -8.980  -6.440  1.00 6.86  ? 4  AIB A N    1 
HETATM 54  C CA   . AIB A 1 5  ? 4.393   -7.762  -5.846  1.00 6.89  ? 4  AIB A CA   1 
HETATM 55  C C    . AIB A 1 5  ? 3.595   -7.311  -4.607  1.00 6.35  ? 4  AIB A C    1 
HETATM 56  O O    . AIB A 1 5  ? 4.227   -6.739  -3.680  1.00 6.36  ? 4  AIB A O    1 
HETATM 57  C CB1  . AIB A 1 5  ? 4.281   -6.607  -6.860  1.00 8.68  ? 4  AIB A CB1  1 
HETATM 58  C CB2  . AIB A 1 5  ? 5.810   -8.024  -5.454  1.00 8.95  ? 4  AIB A CB2  1 
HETATM 59  H H    . AIB A 1 5  ? 3.624   -8.977  -7.278  1.00 8.23  ? 4  AIB A H    1 
HETATM 60  H HB11 . AIB A 1 5  ? 3.359   -6.470  -7.089  1.00 13.02 ? 4  AIB A HB11 1 
HETATM 61  H HB12 . AIB A 1 5  ? 4.778   -6.828  -7.652  1.00 13.02 ? 4  AIB A HB12 1 
HETATM 62  H HB13 . AIB A 1 5  ? 4.638   -5.806  -6.472  1.00 13.02 ? 4  AIB A HB13 1 
HETATM 63  H HB21 . AIB A 1 5  ? 6.309   -8.304  -6.224  1.00 13.42 ? 4  AIB A HB21 1 
HETATM 64  H HB22 . AIB A 1 5  ? 5.835   -8.716  -4.787  1.00 13.42 ? 4  AIB A HB22 1 
HETATM 65  H HB23 . AIB A 1 5  ? 6.197   -7.222  -5.096  1.00 13.42 ? 4  AIB A HB23 1 
ATOM   66  N N    . PRO A 1 6  ? 2.272   -7.495  -4.483  1.00 5.82  ? 5  PRO A N    1 
ATOM   67  C CA   . PRO A 1 6  ? 1.633   -7.091  -3.216  1.00 5.80  ? 5  PRO A CA   1 
ATOM   68  C C    . PRO A 1 6  ? 2.218   -7.670  -1.984  1.00 5.12  ? 5  PRO A C    1 
ATOM   69  O O    . PRO A 1 6  ? 2.032   -7.107  -0.900  1.00 5.79  ? 5  PRO A O    1 
ATOM   70  C CB   . PRO A 1 6  ? 0.166   -7.500  -3.434  1.00 6.75  ? 5  PRO A CB   1 
ATOM   71  C CG   . PRO A 1 6  ? -0.005  -7.383  -4.952  1.00 7.63  ? 5  PRO A CG   1 
ATOM   72  C CD   . PRO A 1 6  ? 1.212   -7.923  -5.456  1.00 6.63  ? 5  PRO A CD   1 
ATOM   73  H HA   . PRO A 1 6  ? 1.674   -6.115  -3.147  1.00 6.96  ? 5  PRO A HA   1 
ATOM   74  H HB2  . PRO A 1 6  ? 0.008   -8.408  -3.133  1.00 8.10  ? 5  PRO A HB2  1 
ATOM   75  H HB3  . PRO A 1 6  ? -0.438  -6.902  -2.967  1.00 8.10  ? 5  PRO A HB3  1 
ATOM   76  H HG2  . PRO A 1 6  ? -0.769  -7.896  -5.259  1.00 9.16  ? 5  PRO A HG2  1 
ATOM   77  H HG3  . PRO A 1 6  ? -0.115  -6.457  -5.221  1.00 9.16  ? 5  PRO A HG3  1 
ATOM   78  H HD2  . PRO A 1 6  ? 1.163   -8.890  -5.504  1.00 7.96  ? 5  PRO A HD2  1 
ATOM   79  H HD3  . PRO A 1 6  ? 1.400   -7.574  -6.341  1.00 7.96  ? 5  PRO A HD3  1 
ATOM   80  N N    . ALA A 1 7  ? 2.929   -8.804  -2.067  1.00 5.53  ? 6  ALA A N    1 
ATOM   81  C CA   . ALA A 1 7  ? 3.529   -9.411  -0.892  1.00 5.45  ? 6  ALA A CA   1 
ATOM   82  C C    . ALA A 1 7  ? 4.481   -8.483  -0.136  1.00 5.34  ? 6  ALA A C    1 
ATOM   83  O O    . ALA A 1 7  ? 4.678   -8.677  1.058   1.00 6.92  ? 6  ALA A O    1 
ATOM   84  C CB   . ALA A 1 7  ? 4.253   -10.665 -1.289  1.00 6.00  ? 6  ALA A CB   1 
ATOM   85  H H    . ALA A 1 7  ? 3.032   -9.180  -2.833  1.00 6.64  ? 6  ALA A H    1 
ATOM   86  H HA   . ALA A 1 7  ? 2.805   -9.662  -0.280  1.00 6.54  ? 6  ALA A HA   1 
ATOM   87  H HB1  . ALA A 1 7  ? 3.652   -11.244 -1.763  1.00 8.99  ? 6  ALA A HB1  1 
ATOM   88  H HB2  . ALA A 1 7  ? 4.575   -11.111 -0.503  1.00 8.99  ? 6  ALA A HB2  1 
ATOM   89  H HB3  . ALA A 1 7  ? 4.995   -10.440 -1.855  1.00 8.99  ? 6  ALA A HB3  1 
ATOM   90  N N    . VAL A 1 8  ? 5.100   -7.491  -0.830  1.00 5.48  ? 7  VAL A N    1 
ATOM   91  C CA   . VAL A 1 8  ? 5.965   -6.556  -0.141  1.00 6.24  ? 7  VAL A CA   1 
ATOM   92  C C    . VAL A 1 8  ? 5.224   -5.314  0.366   1.00 5.89  ? 7  VAL A C    1 
ATOM   93  O O    . VAL A 1 8  ? 5.815   -4.521  1.131   1.00 6.59  ? 7  VAL A O    1 
ATOM   94  C CB   A VAL A 1 8  ? 7.206   -6.066  -0.819  0.70 5.72  ? 7  VAL A CB   1 
ATOM   95  C CB   B VAL A 1 8  ? 7.095   -6.368  -1.336  0.30 5.53  ? 7  VAL A CB   1 
ATOM   96  C CG1  A VAL A 1 8  ? 8.103   -7.225  -1.059  0.70 7.13  ? 7  VAL A CG1  1 
ATOM   97  C CG1  B VAL A 1 8  ? 6.851   -5.221  -2.269  0.30 6.05  ? 7  VAL A CG1  1 
ATOM   98  C CG2  A VAL A 1 8  ? 6.788   -5.357  -2.102  0.70 7.75  ? 7  VAL A CG2  1 
ATOM   99  C CG2  B VAL A 1 8  ? 8.432   -5.929  -0.709  0.30 6.57  ? 7  VAL A CG2  1 
ATOM   100 H H    . VAL A 1 8  ? 4.977   -7.420  -1.679  1.00 6.57  ? 7  VAL A H    1 
ATOM   101 H HA   A VAL A 1 8  ? 6.273   -7.025  0.662   1.00 7.49  ? 7  VAL A HA   1 
ATOM   102 H HB   A VAL A 1 8  ? 7.659   -5.425  -0.233  0.70 6.87  ? 7  VAL A HB   1 
ATOM   103 H HB   B VAL A 1 8  ? 7.208   -7.202  -1.837  0.30 6.64  ? 7  VAL A HB   1 
ATOM   104 H HG11 A VAL A 1 8  ? 8.905   -6.924  -1.495  0.70 10.70 ? 7  VAL A HG11 1 
ATOM   105 H HG11 B VAL A 1 8  ? 6.021   -5.358  -2.732  0.30 9.07  ? 7  VAL A HG11 1 
ATOM   106 H HG12 A VAL A 1 8  ? 8.329   -7.634  -0.221  0.70 10.70 ? 7  VAL A HG12 1 
ATOM   107 H HG12 B VAL A 1 8  ? 6.805   -4.404  -1.768  0.30 9.07  ? 7  VAL A HG12 1 
ATOM   108 H HG13 A VAL A 1 8  ? 7.657   -7.865  -1.618  0.70 10.70 ? 7  VAL A HG13 1 
ATOM   109 H HG13 B VAL A 1 8  ? 7.567   -5.167  -2.905  0.30 9.07  ? 7  VAL A HG13 1 
ATOM   110 H HG21 A VAL A 1 8  ? 6.318   -5.974  -2.669  0.70 11.63 ? 7  VAL A HG21 1 
ATOM   111 H HG21 B VAL A 1 8  ? 9.096   -5.850  -1.397  0.30 9.86  ? 7  VAL A HG21 1 
ATOM   112 H HG22 A VAL A 1 8  ? 6.213   -4.619  -1.886  0.70 11.63 ? 7  VAL A HG22 1 
ATOM   113 H HG22 B VAL A 1 8  ? 8.318   -5.081  -0.273  0.30 9.86  ? 7  VAL A HG22 1 
ATOM   114 H HG23 A VAL A 1 8  ? 7.568   -5.034  -2.558  0.70 11.63 ? 7  VAL A HG23 1 
ATOM   115 H HG23 B VAL A 1 8  ? 8.713   -6.584  -0.066  0.30 9.86  ? 7  VAL A HG23 1 
HETATM 116 N N    . AIB A 1 9  ? 3.999   -5.130  -0.031  1.00 6.72  ? 8  AIB A N    1 
HETATM 117 C CA   . AIB A 1 9  ? 3.228   -3.892  0.290   1.00 7.36  ? 8  AIB A CA   1 
HETATM 118 C C    . AIB A 1 9  ? 3.247   -3.604  1.799   1.00 6.43  ? 8  AIB A C    1 
HETATM 119 O O    . AIB A 1 9  ? 3.282   -2.406  2.161   1.00 7.01  ? 8  AIB A O    1 
HETATM 120 C CB1  . AIB A 1 9  ? 1.782   -4.107  -0.123  1.00 9.55  ? 8  AIB A CB1  1 
HETATM 121 C CB2  . AIB A 1 9  ? 3.831   -2.775  -0.482  1.00 8.57  ? 8  AIB A CB2  1 
HETATM 122 H H    . AIB A 1 9  ? 3.619   -5.744  -0.498  1.00 8.07  ? 8  AIB A H    1 
HETATM 123 H HB11 . AIB A 1 9  ? 1.409   -4.832  0.383   1.00 14.32 ? 8  AIB A HB11 1 
HETATM 124 H HB12 . AIB A 1 9  ? 1.744   -4.317  -1.059  1.00 14.32 ? 8  AIB A HB12 1 
HETATM 125 H HB13 . AIB A 1 9  ? 1.279   -3.307  0.045   1.00 14.32 ? 8  AIB A HB13 1 
HETATM 126 H HB21 . AIB A 1 9  ? 4.743   -2.652  -0.207  1.00 12.86 ? 8  AIB A HB21 1 
HETATM 127 H HB22 . AIB A 1 9  ? 3.337   -1.968  -0.318  1.00 12.86 ? 8  AIB A HB22 1 
HETATM 128 H HB23 . AIB A 1 9  ? 3.803   -2.981  -1.419  1.00 12.86 ? 8  AIB A HB23 1 
ATOM   129 N N    . PRO A 1 10 ? 3.199   -4.573  2.715   1.00 6.17  ? 9  PRO A N    1 
ATOM   130 C CA   . PRO A 1 10 ? 3.153   -4.194  4.124   1.00 6.63  ? 9  PRO A CA   1 
ATOM   131 C C    . PRO A 1 10 ? 4.315   -3.372  4.589   1.00 6.12  ? 9  PRO A C    1 
ATOM   132 O O    . PRO A 1 10 ? 4.176   -2.672  5.591   1.00 7.58  ? 9  PRO A O    1 
ATOM   133 C CB   . PRO A 1 10 ? 3.115   -5.540  4.881   1.00 6.78  ? 9  PRO A CB   1 
ATOM   134 C CG   . PRO A 1 10 ? 2.420   -6.441  3.879   1.00 7.49  ? 9  PRO A CG   1 
ATOM   135 C CD   . PRO A 1 10 ? 2.922   -6.029  2.592   1.00 6.92  ? 9  PRO A CD   1 
ATOM   136 H HA   . PRO A 1 10 ? 2.322   -3.703  4.298   1.00 7.96  ? 9  PRO A HA   1 
ATOM   137 H HB2  . PRO A 1 10 ? 4.009   -5.858  5.082   1.00 8.14  ? 9  PRO A HB2  1 
ATOM   138 H HB3  . PRO A 1 10 ? 2.608   -5.470  5.705   1.00 8.14  ? 9  PRO A HB3  1 
ATOM   139 H HG2  . PRO A 1 10 ? 2.632   -7.372  4.050   1.00 8.99  ? 9  PRO A HG2  1 
ATOM   140 H HG3  . PRO A 1 10 ? 1.458   -6.326  3.924   1.00 8.99  ? 9  PRO A HG3  1 
ATOM   141 H HD2  . PRO A 1 10 ? 3.733   -6.514  2.372   1.00 8.31  ? 9  PRO A HD2  1 
ATOM   142 H HD3  . PRO A 1 10 ? 2.263   -6.194  1.900   1.00 8.31  ? 9  PRO A HD3  1 
HETATM 143 N N    . AIB A 1 11 ? 5.451   -3.461  3.907   1.00 5.38  ? 10 AIB A N    1 
HETATM 144 C CA   . AIB A 1 11 ? 6.647   -2.694  4.257   1.00 5.60  ? 10 AIB A CA   1 
HETATM 145 C C    . AIB A 1 11 ? 6.355   -1.201  4.245   1.00 5.94  ? 10 AIB A C    1 
HETATM 146 O O    . AIB A 1 11 ? 7.073   -0.414  4.854   1.00 7.33  ? 10 AIB A O    1 
HETATM 147 C CB1  . AIB A 1 11 ? 7.711   -2.955  3.169   1.00 6.11  ? 10 AIB A CB1  1 
HETATM 148 C CB2  . AIB A 1 11 ? 7.143   -3.080  5.635   1.00 7.55  ? 10 AIB A CB2  1 
HETATM 149 H H    . AIB A 1 11 ? 5.484   -3.990  3.231   1.00 6.46  ? 10 AIB A H    1 
HETATM 150 H HB11 . AIB A 1 11 ? 7.361   -2.698  2.313   1.00 9.17  ? 10 AIB A HB11 1 
HETATM 151 H HB12 . AIB A 1 11 ? 7.934   -3.889  3.157   1.00 9.17  ? 10 AIB A HB12 1 
HETATM 152 H HB13 . AIB A 1 11 ? 8.497   -2.440  3.361   1.00 9.17  ? 10 AIB A HB13 1 
HETATM 153 H HB21 . AIB A 1 11 ? 7.331   -4.021  5.655   1.00 11.33 ? 10 AIB A HB21 1 
HETATM 154 H HB22 . AIB A 1 11 ? 6.468   -2.875  6.286   1.00 11.33 ? 10 AIB A HB22 1 
HETATM 155 H HB23 . AIB A 1 11 ? 7.942   -2.589  5.837   1.00 11.33 ? 10 AIB A HB23 1 
ATOM   156 N N    . LEU A 1 12 ? 5.310   -0.771  3.512   1.00 5.71  ? 11 LEU A N    1 
ATOM   157 C CA   . LEU A 1 12 ? 4.951   0.619   3.446   1.00 6.64  ? 11 LEU A CA   1 
ATOM   158 C C    . LEU A 1 12 ? 4.076   1.082   4.605   1.00 8.62  ? 11 LEU A C    1 
ATOM   159 O O    . LEU A 1 12 ? 3.825   2.289   4.709   1.00 9.03  ? 11 LEU A O    1 
ATOM   160 C CB   . LEU A 1 12 ? 4.225   0.918   2.130   1.00 6.50  ? 11 LEU A CB   1 
ATOM   161 C CG   . LEU A 1 12 ? 5.006   0.585   0.860   1.00 6.57  ? 11 LEU A CG   1 
ATOM   162 C CD1  . LEU A 1 12 ? 4.230   0.913   -0.381  1.00 8.58  ? 11 LEU A CD1  1 
ATOM   163 C CD2  . LEU A 1 12 ? 6.364   1.259   0.842   1.00 8.62  ? 11 LEU A CD2  1 
ATOM   164 H H    . LEU A 1 12 ? 4.846   -1.345  3.071   1.00 6.85  ? 11 LEU A H    1 
ATOM   165 H HA   . LEU A 1 12 ? 5.778   1.146   3.461   1.00 7.97  ? 11 LEU A HA   1 
ATOM   166 H HB2  . LEU A 1 12 ? 3.393   0.419   2.119   1.00 7.80  ? 11 LEU A HB2  1 
ATOM   167 H HB3  . LEU A 1 12 ? 3.997   1.861   2.113   1.00 7.80  ? 11 LEU A HB3  1 
ATOM   168 H HG   . LEU A 1 12 ? 5.161   -0.383  0.859   1.00 7.88  ? 11 LEU A HG   1 
ATOM   169 H HD11 . LEU A 1 12 ? 3.375   0.476   -0.349  1.00 12.87 ? 11 LEU A HD11 1 
ATOM   170 H HD12 . LEU A 1 12 ? 4.715   0.611   -1.152  1.00 12.87 ? 11 LEU A HD12 1 
ATOM   171 H HD13 . LEU A 1 12 ? 4.100   1.863   -0.435  1.00 12.87 ? 11 LEU A HD13 1 
ATOM   172 H HD21 . LEU A 1 12 ? 6.859   0.959   0.077   1.00 12.93 ? 11 LEU A HD21 1 
ATOM   173 H HD22 . LEU A 1 12 ? 6.844   1.033   1.643   1.00 12.93 ? 11 LEU A HD22 1 
ATOM   174 H HD23 . LEU A 1 12 ? 6.248   2.211   0.796   1.00 12.93 ? 11 LEU A HD23 1 
HETATM 175 N N    . AIB A 1 13 ? 3.667   0.194   5.481   1.00 11.42 ? 12 AIB A N    1 
HETATM 176 C CA   . AIB A 1 13 ? 2.840   0.478   6.638   1.00 15.27 ? 12 AIB A CA   1 
HETATM 177 C C    . AIB A 1 13 ? 3.364   1.733   7.433   1.00 11.62 ? 12 AIB A C    1 
HETATM 178 O O    . AIB A 1 13 ? 2.442   2.526   7.825   1.00 11.21 ? 12 AIB A O    1 
HETATM 179 C CB1  . AIB A 1 13 ? 2.794   -0.730  7.593   1.00 25.91 ? 12 AIB A CB1  1 
HETATM 180 C CB2  . AIB A 1 13 ? 1.392   0.915   5.935   1.00 21.81 ? 12 AIB A CB2  1 
HETATM 181 H H    . AIB A 1 13 ? 3.908   -0.622  5.359   1.00 13.70 ? 12 AIB A H    1 
HETATM 182 H HB11 . AIB A 1 13 ? 2.476   -1.502  7.118   1.00 38.86 ? 12 AIB A HB11 1 
HETATM 183 H HB12 . AIB A 1 13 ? 2.203   -0.538  8.324   1.00 38.86 ? 12 AIB A HB12 1 
HETATM 184 H HB13 . AIB A 1 13 ? 3.676   -0.904  7.931   1.00 38.86 ? 12 AIB A HB13 1 
HETATM 185 H HB21 . AIB A 1 13 ? 1.531   1.671   5.359   1.00 32.72 ? 12 AIB A HB21 1 
HETATM 186 H HB22 . AIB A 1 13 ? 0.760   1.147   6.620   1.00 32.72 ? 12 AIB A HB22 1 
HETATM 187 H HB23 . AIB A 1 13 ? 1.051   0.179   5.421   1.00 32.72 ? 12 AIB A HB23 1 
ATOM   188 N N    . PRO A 1 14 ? 4.633   1.933   7.672   1.00 11.54 ? 13 PRO A N    1 
ATOM   189 C CA   . PRO A 1 14 ? 5.022   3.101   8.430   1.00 11.64 ? 13 PRO A CA   1 
ATOM   190 C C    . PRO A 1 14 ? 4.889   4.391   7.673   1.00 10.33 ? 13 PRO A C    1 
ATOM   191 O O    . PRO A 1 14 ? 5.077   5.423   8.387   1.00 15.33 ? 13 PRO A O    1 
ATOM   192 C CB   . PRO A 1 14 ? 6.512   2.834   8.712   1.00 16.13 ? 13 PRO A CB   1 
ATOM   193 C CG   . PRO A 1 14 ? 6.773   1.439   8.354   1.00 18.30 ? 13 PRO A CG   1 
ATOM   194 C CD   . PRO A 1 14 ? 5.770   1.048   7.424   1.00 14.10 ? 13 PRO A CD   1 
ATOM   195 H HA   . PRO A 1 14 ? 4.518   3.146   9.270   1.00 13.96 ? 13 PRO A HA   1 
ATOM   196 H HB2  . PRO A 1 14 ? 7.067   3.428   8.182   1.00 19.36 ? 13 PRO A HB2  1 
ATOM   197 H HB3  . PRO A 1 14 ? 6.710   2.984   9.650   1.00 19.36 ? 13 PRO A HB3  1 
ATOM   198 H HG2  . PRO A 1 14 ? 7.653   1.353   7.955   1.00 21.96 ? 13 PRO A HG2  1 
ATOM   199 H HG3  . PRO A 1 14 ? 6.737   0.877   9.143   1.00 21.96 ? 13 PRO A HG3  1 
ATOM   200 H HD2  . PRO A 1 14 ? 6.090   1.152   6.513   1.00 16.92 ? 13 PRO A HD2  1 
ATOM   201 H HD3  . PRO A 1 14 ? 5.519   0.122   7.561   1.00 16.92 ? 13 PRO A HD3  1 
HETATM 202 N N    . DCL A 1 15 ? 4.615   4.402   6.431   1.00 8.46  ? 14 DCL A N    1 
HETATM 203 C CA   . DCL A 1 15 ? 4.567   5.560   5.551   1.00 9.14  ? 14 DCL A CA   1 
HETATM 204 C C    . DCL A 1 15 ? 3.171   5.779   5.144   1.00 12.17 ? 14 DCL A C    1 
HETATM 205 C CB   . DCL A 1 15 ? 5.477   5.352   4.315   1.00 10.66 ? 14 DCL A CB   1 
HETATM 206 C CG   A DCL A 1 15 ? 6.999   5.322   4.522   0.41 11.75 ? 14 DCL A CG   1 
HETATM 207 C CG   B DCL A 1 15 ? 6.925   5.005   4.595   0.59 12.91 ? 14 DCL A CG   1 
HETATM 208 C CD1  A DCL A 1 15 ? 7.382   4.110   5.312   0.41 15.70 ? 14 DCL A CD1  1 
HETATM 209 C CD1  B DCL A 1 15 ? 7.584   6.298   5.049   0.59 19.23 ? 14 DCL A CD1  1 
HETATM 210 C CD2  A DCL A 1 15 ? 7.773   5.162   3.191   0.41 15.06 ? 14 DCL A CD2  1 
HETATM 211 C CD2  B DCL A 1 15 ? 7.523   4.416   3.318   0.59 22.07 ? 14 DCL A CD2  1 
HETATM 212 O O    . DCL A 1 15 ? 2.360   6.206   5.957   1.00 15.35 ? 14 DCL A O    1 
HETATM 213 H H2   . DCL A 1 15 ? 4.437   3.641   6.070   1.00 10.15 ? 14 DCL A H2   1 
HETATM 214 H HA   . DCL A 1 15 ? 4.880   6.346   6.045   1.00 10.97 ? 14 DCL A HA   1 
HETATM 215 H HC1  . DCL A 1 15 ? 3.180   6.395   4.394   1.00 14.60 ? 14 DCL A HC1  1 
HETATM 216 H HC2  . DCL A 1 15 ? 2.831   4.934   4.811   1.00 14.60 ? 14 DCL A HC2  1 
HETATM 217 H HB1  A DCL A 1 15 ? 5.279   6.058   3.681   1.00 12.79 ? 14 DCL A HB1  1 
HETATM 218 H HB2  A DCL A 1 15 ? 5.220   4.515   3.897   1.00 12.79 ? 14 DCL A HB2  1 
HETATM 219 H HG   A DCL A 1 15 ? 7.292   6.133   4.986   0.41 14.10 ? 14 DCL A HG   1 
HETATM 220 H HG   B DCL A 1 15 ? 6.971   4.341   5.315   0.59 15.49 ? 14 DCL A HG   1 
HETATM 221 H HD11 A DCL A 1 15 ? 7.172   3.321   4.807   0.41 23.55 ? 14 DCL A HD11 1 
HETATM 222 H HD11 B DCL A 1 15 ? 7.457   6.975   4.381   0.59 28.85 ? 14 DCL A HD11 1 
HETATM 223 H HD12 A DCL A 1 15 ? 6.893   4.100   6.138   0.41 23.55 ? 14 DCL A HD12 1 
HETATM 224 H HD12 B DCL A 1 15 ? 7.186   6.586   5.875   0.59 28.85 ? 14 DCL A HD12 1 
HETATM 225 H HD13 A DCL A 1 15 ? 8.323   4.133   5.496   0.41 23.55 ? 14 DCL A HD13 1 
HETATM 226 H HD13 B DCL A 1 15 ? 8.523   6.150   5.182   0.59 28.85 ? 14 DCL A HD13 1 
HETATM 227 H HD21 A DCL A 1 15 ? 7.604   5.921   2.629   0.41 22.59 ? 14 DCL A HD21 1 
HETATM 228 H HD21 B DCL A 1 15 ? 8.460   4.251   3.449   0.59 33.11 ? 14 DCL A HD21 1 
HETATM 229 H HD22 A DCL A 1 15 ? 7.481   4.362   2.746   0.41 22.59 ? 14 DCL A HD22 1 
HETATM 230 H HD22 B DCL A 1 15 ? 7.079   3.590   3.108   0.59 33.11 ? 14 DCL A HD22 1 
HETATM 231 H HD23 A DCL A 1 15 ? 8.713   5.101   3.373   0.41 22.59 ? 14 DCL A HD23 1 
HETATM 232 H HD23 B DCL A 1 15 ? 7.405   5.035   2.594   0.59 33.11 ? 14 DCL A HD23 1 
HETATM 233 H HO   . DCL A 1 15 ? 2.469   5.826   6.677   1.00 23.03 ? 14 DCL A HO   1 
HETATM 234 C C    . ACE B 1 1  ? -11.739 4.727   8.653   1.00 10.16 ? 20 ACE B C    1 
HETATM 235 O O    . ACE B 1 1  ? -11.261 4.544   7.540   1.00 11.14 ? 20 ACE B O    1 
HETATM 236 C CH3  . ACE B 1 1  ? -12.458 6.001   8.913   1.00 15.79 ? 20 ACE B CH3  1 
HETATM 237 H H1   . ACE B 1 1  ? -11.858 6.740   8.786   1.00 23.69 ? 20 ACE B H1   1 
HETATM 238 H H2   . ACE B 1 1  ? -12.783 6.006   9.817   1.00 23.69 ? 20 ACE B H2   1 
HETATM 239 H H3   . ACE B 1 1  ? -13.198 6.081   8.308   1.00 23.69 ? 20 ACE B H3   1 
HETATM 240 N N    . AIB B 1 2  ? -11.677 3.857   9.612   1.00 9.82  ? 21 AIB B N    1 
HETATM 241 C CA   . AIB B 1 2  ? -10.822 2.654   9.535   1.00 9.28  ? 21 AIB B CA   1 
HETATM 242 C C    . AIB B 1 2  ? -11.178 1.845   8.268   1.00 7.81  ? 21 AIB B C    1 
HETATM 243 O O    . AIB B 1 2  ? -10.320 1.323   7.586   1.00 9.40  ? 21 AIB B O    1 
HETATM 244 C CB1  . AIB B 1 2  ? -9.305  3.013   9.485   1.00 10.50 ? 21 AIB B CB1  1 
HETATM 245 C CB2  . AIB B 1 2  ? -11.111 1.839   10.763  1.00 10.50 ? 21 AIB B CB2  1 
HETATM 246 H H    . AIB B 1 2  ? -12.151 3.985   10.317  1.00 11.79 ? 21 AIB B H    1 
HETATM 247 H HB11 . AIB B 1 2  ? -9.125  3.534   8.700   1.00 15.75 ? 21 AIB B HB11 1 
HETATM 248 H HB12 . AIB B 1 2  ? -8.786  2.205   9.460   1.00 15.75 ? 21 AIB B HB12 1 
HETATM 249 H HB13 . AIB B 1 2  ? -9.070  3.519   10.266  1.00 15.75 ? 21 AIB B HB13 1 
HETATM 250 H HB21 . AIB B 1 2  ? -10.888 2.350   11.545  1.00 15.76 ? 21 AIB B HB21 1 
HETATM 251 H HB22 . AIB B 1 2  ? -10.586 1.036   10.745  1.00 15.76 ? 21 AIB B HB22 1 
HETATM 252 H HB23 . AIB B 1 2  ? -12.043 1.612   10.784  1.00 15.76 ? 21 AIB B HB23 1 
ATOM   253 N N    . ASN B 1 3  ? -12.498 1.669   7.976   1.00 9.16  ? 22 ASN B N    1 
ATOM   254 C CA   . ASN B 1 3  ? -12.889 0.827   6.915   1.00 9.51  ? 22 ASN B CA   1 
ATOM   255 C C    . ASN B 1 3  ? -12.628 1.417   5.560   1.00 9.55  ? 22 ASN B C    1 
ATOM   256 O O    . ASN B 1 3  ? -12.595 0.702   4.536   1.00 12.38 ? 22 ASN B O    1 
ATOM   257 C CB   . ASN B 1 3  ? -14.378 0.451   6.968   1.00 14.48 ? 22 ASN B CB   1 
ATOM   258 C CG   . ASN B 1 3  ? -14.752 -0.197  8.341   1.00 13.43 ? 22 ASN B CG   1 
ATOM   259 O OD1  . ASN B 1 3  ? -14.022 -1.093  8.765   1.00 13.96 ? 22 ASN B OD1  1 
ATOM   260 N ND2  . ASN B 1 3  ? -15.853 0.092   8.879   1.00 16.37 ? 22 ASN B ND2  1 
ATOM   261 H H    . ASN B 1 3  ? -13.097 2.073   8.443   1.00 10.99 ? 22 ASN B H    1 
ATOM   262 H HA   . ASN B 1 3  ? -12.371 -0.001  6.985   1.00 11.41 ? 22 ASN B HA   1 
ATOM   263 H HB2  . ASN B 1 3  ? -14.917 1.248   6.832   1.00 17.38 ? 22 ASN B HB2  1 
ATOM   264 H HB3  . ASN B 1 3  ? -14.579 -0.171  6.253   1.00 17.38 ? 22 ASN B HB3  1 
ATOM   265 H HD21 . ASN B 1 3  ? -16.337 0.725   8.555   1.00 19.65 ? 22 ASN B HD21 1 
ATOM   266 H HD22 . ASN B 1 3  ? -16.120 -0.343  9.572   1.00 19.65 ? 22 ASN B HD22 1 
ATOM   267 N N    . LEU B 1 4  ? -12.433 2.739   5.529   1.00 8.15  ? 23 LEU B N    1 
ATOM   268 C CA   . LEU B 1 4  ? -12.244 3.476   4.304   1.00 7.69  ? 23 LEU B CA   1 
ATOM   269 C C    . LEU B 1 4  ? -10.774 3.855   4.032   1.00 7.23  ? 23 LEU B C    1 
ATOM   270 O O    . LEU B 1 4  ? -10.470 4.491   3.032   1.00 7.44  ? 23 LEU B O    1 
ATOM   271 C CB   . LEU B 1 4  ? -13.147 4.654   4.246   1.00 8.64  ? 23 LEU B CB   1 
ATOM   272 C CG   . LEU B 1 4  ? -14.584 4.384   4.464   1.00 10.14 ? 23 LEU B CG   1 
ATOM   273 C CD1  . LEU B 1 4  ? -15.397 5.607   4.377   1.00 14.42 ? 23 LEU B CD1  1 
ATOM   274 C CD2  . LEU B 1 4  ? -15.153 3.366   3.512   1.00 13.59 ? 23 LEU B CD2  1 
ATOM   275 H H    . LEU B 1 4  ? -12.420 3.169   6.274   1.00 9.78  ? 23 LEU B H    1 
ATOM   276 H HA   . LEU B 1 4  ? -12.518 2.880   3.575   1.00 9.23  ? 23 LEU B HA   1 
ATOM   277 H HB2  . LEU B 1 4  ? -12.853 5.294   4.913   1.00 10.37 ? 23 LEU B HB2  1 
ATOM   278 H HB3  . LEU B 1 4  ? -13.045 5.073   3.378   1.00 10.37 ? 23 LEU B HB3  1 
ATOM   279 H HG   . LEU B 1 4  ? -14.683 4.027   5.372   1.00 12.16 ? 23 LEU B HG   1 
ATOM   280 H HD11 . LEU B 1 4  ? -16.321 5.387   4.518   1.00 21.63 ? 23 LEU B HD11 1 
ATOM   281 H HD12 . LEU B 1 4  ? -15.292 5.999   3.507   1.00 21.63 ? 23 LEU B HD12 1 
ATOM   282 H HD13 . LEU B 1 4  ? -15.110 6.231   5.046   1.00 21.63 ? 23 LEU B HD13 1 
ATOM   283 H HD21 . LEU B 1 4  ? -16.061 3.172   3.757   1.00 20.38 ? 23 LEU B HD21 1 
ATOM   284 H HD22 . LEU B 1 4  ? -14.631 2.562   3.554   1.00 20.38 ? 23 LEU B HD22 1 
ATOM   285 H HD23 . LEU B 1 4  ? -15.130 3.716   2.619   1.00 20.38 ? 23 LEU B HD23 1 
HETATM 286 N N    . AIB B 1 5  ? -9.847  3.348   4.894   1.00 7.60  ? 24 AIB B N    1 
HETATM 287 C CA   . AIB B 1 5  ? -8.415  3.609   4.771   1.00 8.06  ? 24 AIB B CA   1 
HETATM 288 C C    . AIB B 1 5  ? -7.890  3.337   3.406   1.00 6.89  ? 24 AIB B C    1 
HETATM 289 O O    . AIB B 1 5  ? -6.954  4.071   2.975   1.00 7.09  ? 24 AIB B O    1 
HETATM 290 C CB1  . AIB B 1 5  ? -8.128  5.034   5.179   1.00 9.75  ? 24 AIB B CB1  1 
HETATM 291 C CB2  . AIB B 1 5  ? -7.672  2.630   5.756   1.00 9.16  ? 24 AIB B CB2  1 
HETATM 292 H H    . AIB B 1 5  ? -10.119 2.851   5.541   1.00 9.12  ? 24 AIB B H    1 
HETATM 293 H HB11 . AIB B 1 5  ? -8.473  5.190   6.061   1.00 14.62 ? 24 AIB B HB11 1 
HETATM 294 H HB12 . AIB B 1 5  ? -8.550  5.634   4.560   1.00 14.62 ? 24 AIB B HB12 1 
HETATM 295 H HB13 . AIB B 1 5  ? -7.180  5.183   5.176   1.00 14.62 ? 24 AIB B HB13 1 
HETATM 296 H HB21 . AIB B 1 5  ? -7.986  2.779   6.650   1.00 13.74 ? 24 AIB B HB21 1 
HETATM 297 H HB22 . AIB B 1 5  ? -6.727  2.795   5.717   1.00 13.74 ? 24 AIB B HB22 1 
HETATM 298 H HB23 . AIB B 1 5  ? -7.850  1.723   5.500   1.00 13.74 ? 24 AIB B HB23 1 
ATOM   299 N N    . PRO B 1 6  ? -8.345  2.353   2.661   1.00 6.62  ? 25 PRO B N    1 
ATOM   300 C CA   . PRO B 1 6  ? -7.777  2.137   1.328   1.00 6.73  ? 25 PRO B CA   1 
ATOM   301 C C    . PRO B 1 6  ? -7.818  3.336   0.436   1.00 6.04  ? 25 PRO B C    1 
ATOM   302 O O    . PRO B 1 6  ? -7.049  3.432   -0.502  1.00 6.56  ? 25 PRO B O    1 
ATOM   303 C CB   . PRO B 1 6  ? -8.575  0.955   0.767   1.00 7.75  ? 25 PRO B CB   1 
ATOM   304 C CG   . PRO B 1 6  ? -8.916  0.146   1.954   1.00 8.53  ? 25 PRO B CG   1 
ATOM   305 C CD   . PRO B 1 6  ? -9.244  1.157   2.966   1.00 7.89  ? 25 PRO B CD   1 
ATOM   306 H HA   . PRO B 1 6  ? -6.842  1.860   1.430   1.00 8.08  ? 25 PRO B HA   1 
ATOM   307 H HB2  . PRO B 1 6  ? -9.376  1.263   0.316   1.00 9.30  ? 25 PRO B HB2  1 
ATOM   308 H HB3  . PRO B 1 6  ? -8.039  0.442   0.143   1.00 9.30  ? 25 PRO B HB3  1 
ATOM   309 H HG2  . PRO B 1 6  ? -9.677  -0.430  1.776   1.00 10.24 ? 25 PRO B HG2  1 
ATOM   310 H HG3  . PRO B 1 6  ? -8.165  -0.399  2.234   1.00 10.24 ? 25 PRO B HG3  1 
ATOM   311 H HD2  . PRO B 1 6  ? -10.179 1.410   2.908   1.00 9.47  ? 25 PRO B HD2  1 
ATOM   312 H HD3  . PRO B 1 6  ? -9.068  0.817   3.857   1.00 9.47  ? 25 PRO B HD3  1 
ATOM   313 N N    . ALA B 1 7  ? -8.760  4.282   0.669   1.00 5.98  ? 26 ALA B N    1 
ATOM   314 C CA   . ALA B 1 7  ? -8.889  5.434   -0.215  1.00 5.96  ? 26 ALA B CA   1 
ATOM   315 C C    . ALA B 1 7  ? -7.617  6.247   -0.362  1.00 5.56  ? 26 ALA B C    1 
ATOM   316 O O    . ALA B 1 7  ? -7.440  6.909   -1.366  1.00 7.09  ? 26 ALA B O    1 
ATOM   317 C CB   . ALA B 1 7  ? -10.021 6.319   0.281   1.00 6.37  ? 26 ALA B CB   1 
ATOM   318 H H    . ALA B 1 7  ? -9.286  4.203   1.345   1.00 7.17  ? 26 ALA B H    1 
ATOM   319 H HA   . ALA B 1 7  ? -9.136  5.103   -1.105  1.00 7.16  ? 26 ALA B HA   1 
ATOM   320 H HB1  . ALA B 1 7  ? -10.820 5.795   0.370   1.00 9.55  ? 26 ALA B HB1  1 
ATOM   321 H HB2  . ALA B 1 7  ? -10.171 7.029   -0.348  1.00 9.55  ? 26 ALA B HB2  1 
ATOM   322 H HB3  . ALA B 1 7  ? -9.785  6.692   1.134   1.00 9.55  ? 26 ALA B HB3  1 
ATOM   323 N N    . VAL B 1 8  ? -6.741  6.245   0.669   1.00 5.72  ? 27 VAL B N    1 
ATOM   324 C CA   . VAL B 1 8  ? -5.461  6.964   0.562   1.00 6.08  ? 27 VAL B CA   1 
ATOM   325 C C    . VAL B 1 8  ? -4.335  6.123   0.013   1.00 6.07  ? 27 VAL B C    1 
ATOM   326 O O    . VAL B 1 8  ? -3.263  6.660   -0.275  1.00 6.68  ? 27 VAL B O    1 
ATOM   327 C CB   A VAL B 1 8  ? -4.937  7.655   1.790   0.77 6.44  ? 27 VAL B CB   1 
ATOM   328 C CB   B VAL B 1 8  ? -5.401  7.440   2.129   0.23 5.51  ? 27 VAL B CB   1 
ATOM   329 C CG1  A VAL B 1 8  ? -5.901  8.727   2.217   0.77 7.42  ? 27 VAL B CG1  1 
ATOM   330 C CG1  B VAL B 1 8  ? -4.781  6.268   2.880   0.23 5.91  ? 27 VAL B CG1  1 
ATOM   331 C CG2  A VAL B 1 8  ? -4.774  6.667   2.986   0.77 6.63  ? 27 VAL B CG2  1 
ATOM   332 C CG2  B VAL B 1 8  ? -4.501  8.680   2.215   0.23 5.61  ? 27 VAL B CG2  1 
ATOM   333 H H    . VAL B 1 8  ? -6.933  5.820   1.391   1.00 6.86  ? 27 VAL B H    1 
ATOM   334 H HA   A VAL B 1 8  ? -5.610  7.672   -0.099  1.00 7.30  ? 27 VAL B HA   1 
ATOM   335 H HB   A VAL B 1 8  ? -4.069  8.062   1.585   0.77 7.73  ? 27 VAL B HB   1 
ATOM   336 H HB   B VAL B 1 8  ? -6.299  7.637   2.469   0.23 6.61  ? 27 VAL B HB   1 
ATOM   337 H HG11 A VAL B 1 8  ? -5.563  9.166   3.002   0.77 11.13 ? 27 VAL B HG11 1 
ATOM   338 H HG11 B VAL B 1 8  ? -5.346  5.496   2.792   0.23 8.86  ? 27 VAL B HG11 1 
ATOM   339 H HG12 A VAL B 1 8  ? -6.753  8.333   2.413   0.77 11.13 ? 27 VAL B HG12 1 
ATOM   340 H HG12 B VAL B 1 8  ? -4.692  6.493   3.809   0.23 8.86  ? 27 VAL B HG12 1 
ATOM   341 H HG13 A VAL B 1 8  ? -6.000  9.368   1.510   0.77 11.13 ? 27 VAL B HG13 1 
ATOM   342 H HG13 B VAL B 1 8  ? -3.916  6.074   2.513   0.23 8.86  ? 27 VAL B HG13 1 
ATOM   343 H HG21 A VAL B 1 8  ? -4.163  5.967   2.742   0.77 9.94  ? 27 VAL B HG21 1 
ATOM   344 H HG21 B VAL B 1 8  ? -4.903  9.401   1.725   0.23 8.41  ? 27 VAL B HG21 1 
ATOM   345 H HG22 A VAL B 1 8  ? -5.627  6.285   3.205   0.77 9.94  ? 27 VAL B HG22 1 
ATOM   346 H HG22 B VAL B 1 8  ? -3.641  8.478   1.838   0.23 8.41  ? 27 VAL B HG22 1 
ATOM   347 H HG23 A VAL B 1 8  ? -4.431  7.141   3.748   0.77 9.94  ? 27 VAL B HG23 1 
ATOM   348 H HG23 B VAL B 1 8  ? -4.395  8.936   3.133   0.23 8.41  ? 27 VAL B HG23 1 
HETATM 349 N N    . AIB B 1 9  ? -4.539  4.821   -0.162  1.00 6.13  ? 28 AIB B N    1 
HETATM 350 C CA   . AIB B 1 9  ? -3.473  3.906   -0.570  1.00 6.70  ? 28 AIB B CA   1 
HETATM 351 C C    . AIB B 1 9  ? -2.749  4.404   -1.863  1.00 6.63  ? 28 AIB B C    1 
HETATM 352 O O    . AIB B 1 9  ? -1.517  4.216   -1.947  1.00 7.44  ? 28 AIB B O    1 
HETATM 353 C CB1  . AIB B 1 9  ? -4.075  2.534   -0.881  1.00 8.24  ? 28 AIB B CB1  1 
HETATM 354 C CB2  . AIB B 1 9  ? -2.488  3.758   0.579   1.00 8.20  ? 28 AIB B CB2  1 
HETATM 355 H H    . AIB B 1 9  ? -5.327  4.505   -0.030  1.00 7.36  ? 28 AIB B H    1 
HETATM 356 H HB11 . AIB B 1 9  ? -4.703  2.617   -1.603  1.00 12.36 ? 28 AIB B HB11 1 
HETATM 357 H HB12 . AIB B 1 9  ? -4.525  2.199   -0.103  1.00 12.36 ? 28 AIB B HB12 1 
HETATM 358 H HB13 . AIB B 1 9  ? -3.376  1.927   -1.133  1.00 12.36 ? 28 AIB B HB13 1 
HETATM 359 H HB21 . AIB B 1 9  ? -2.104  4.613   0.782   1.00 12.31 ? 28 AIB B HB21 1 
HETATM 360 H HB22 . AIB B 1 9  ? -1.794  3.145   0.328   1.00 12.31 ? 28 AIB B HB22 1 
HETATM 361 H HB23 . AIB B 1 9  ? -2.947  3.421   1.352   1.00 12.31 ? 28 AIB B HB23 1 
ATOM   362 N N    . PRO B 1 10 ? -3.418  4.985   -2.834  1.00 6.32  ? 29 PRO B N    1 
ATOM   363 C CA   . PRO B 1 10 ? -2.691  5.363   -4.035  1.00 6.66  ? 29 PRO B CA   1 
ATOM   364 C C    . PRO B 1 10 ? -1.526  6.313   -3.795  1.00 7.07  ? 29 PRO B C    1 
ATOM   365 O O    . PRO B 1 10 ? -0.606  6.340   -4.608  1.00 8.54  ? 29 PRO B O    1 
ATOM   366 C CB   . PRO B 1 10 ? -3.724  6.011   -4.927  1.00 7.05  ? 29 PRO B CB   1 
ATOM   367 C CG   . PRO B 1 10 ? -5.010  5.330   -4.519  1.00 6.81  ? 29 PRO B CG   1 
ATOM   368 C CD   . PRO B 1 10 ? -4.872  5.164   -3.077  1.00 6.52  ? 29 PRO B CD   1 
ATOM   369 H HA   . PRO B 1 10 ? -2.355  4.553   -4.473  1.00 8.00  ? 29 PRO B HA   1 
ATOM   370 H HB2  . PRO B 1 10 ? -3.770  6.967   -4.769  1.00 8.46  ? 29 PRO B HB2  1 
ATOM   371 H HB3  . PRO B 1 10 ? -3.525  5.853   -5.863  1.00 8.46  ? 29 PRO B HB3  1 
ATOM   372 H HG2  . PRO B 1 10 ? -5.778  5.880   -4.734  1.00 8.17  ? 29 PRO B HG2  1 
ATOM   373 H HG3  . PRO B 1 10 ? -5.102  4.471   -4.960  1.00 8.17  ? 29 PRO B HG3  1 
ATOM   374 H HD2  . PRO B 1 10 ? -5.202  5.947   -2.610  1.00 7.83  ? 29 PRO B HD2  1 
ATOM   375 H HD3  . PRO B 1 10 ? -5.368  4.388   -2.773  1.00 7.83  ? 29 PRO B HD3  1 
HETATM 376 N N    . AIB B 1 11 ? -1.581  7.076   -2.707  1.00 5.96  ? 30 AIB B N    1 
HETATM 377 C CA   . AIB B 1 11 ? -0.537  8.071   -2.367  1.00 6.31  ? 30 AIB B CA   1 
HETATM 378 C C    . AIB B 1 11 ? 0.811   7.345   -2.163  1.00 6.67  ? 30 AIB B C    1 
HETATM 379 O O    . AIB B 1 11 ? 1.869   7.982   -2.258  1.00 8.06  ? 30 AIB B O    1 
HETATM 380 C CB1  . AIB B 1 11 ? -0.899  8.705   -1.076  1.00 6.21  ? 30 AIB B CB1  1 
HETATM 381 C CB2  . AIB B 1 11 ? -0.396  9.090   -3.492  1.00 7.81  ? 30 AIB B CB2  1 
HETATM 382 H H    . AIB B 1 11 ? -2.253  6.989   -2.176  1.00 7.15  ? 30 AIB B H    1 
HETATM 383 H HB11 . AIB B 1 11 ? -0.975  8.031   -0.397  1.00 9.31  ? 30 AIB B HB11 1 
HETATM 384 H HB12 . AIB B 1 11 ? -1.739  9.161   -1.168  1.00 9.31  ? 30 AIB B HB12 1 
HETATM 385 H HB13 . AIB B 1 11 ? -0.219  9.335   -0.826  1.00 9.31  ? 30 AIB B HB13 1 
HETATM 386 H HB21 . AIB B 1 11 ? -0.162  8.638   -4.305  1.00 11.71 ? 30 AIB B HB21 1 
HETATM 387 H HB22 . AIB B 1 11 ? 0.292   9.721   -3.266  1.00 11.71 ? 30 AIB B HB22 1 
HETATM 388 H HB23 . AIB B 1 11 ? -1.228  9.553   -3.611  1.00 11.71 ? 30 AIB B HB23 1 
ATOM   389 N N    . LEU B 1 12 ? 0.785   6.059   -1.855  1.00 6.79  ? 31 LEU B N    1 
ATOM   390 C CA   . LEU B 1 12 ? 1.995   5.292   -1.680  1.00 7.73  ? 31 LEU B CA   1 
ATOM   391 C C    . LEU B 1 12 ? 2.594   4.816   -3.052  1.00 9.59  ? 31 LEU B C    1 
ATOM   392 O O    . LEU B 1 12 ? 3.719   4.263   -2.930  1.00 11.69 ? 31 LEU B O    1 
ATOM   393 C CB   A LEU B 1 12 ? 1.648   4.145   -0.730  0.50 8.42  ? 31 LEU B CB   1 
ATOM   394 C CB   B LEU B 1 12 ? 1.856   4.059   -0.742  0.50 7.21  ? 31 LEU B CB   1 
ATOM   395 C CG   A LEU B 1 12 ? 1.196   4.300   0.690   0.50 7.64  ? 31 LEU B CG   1 
ATOM   396 C CG   B LEU B 1 12 ? 1.963   4.702   0.677   0.50 7.78  ? 31 LEU B CG   1 
ATOM   397 C CD1  A LEU B 1 12 ? 0.856   2.928   1.386   0.50 10.73 ? 31 LEU B CD1  1 
ATOM   398 C CD1  B LEU B 1 12 ? 1.302   3.660   1.617   0.50 8.36  ? 31 LEU B CD1  1 
ATOM   399 C CD2  A LEU B 1 12 ? 2.172   5.080   1.521   0.50 10.52 ? 31 LEU B CD2  1 
ATOM   400 C CD2  B LEU B 1 12 ? 3.433   4.892   0.954   0.50 8.42  ? 31 LEU B CD2  1 
ATOM   401 H H    . LEU B 1 12 ? 0.025   5.669   -1.757  1.00 8.15  ? 31 LEU B H    1 
ATOM   402 H HA   A LEU B 1 12 ? 2.658   5.863   -1.238  1.00 9.27  ? 31 LEU B HA   1 
ATOM   403 H HB2  A LEU B 1 12 ? 0.957   3.630   -1.175  0.50 10.10 ? 31 LEU B HB2  1 
ATOM   404 H HB2  B LEU B 1 12 ? 1.001   3.618   -0.865  0.50 8.65  ? 31 LEU B HB2  1 
ATOM   405 H HB3  A LEU B 1 12 ? 2.433   3.577   -0.699  0.50 10.10 ? 31 LEU B HB3  1 
ATOM   406 H HB3  B LEU B 1 12 ? 2.570   3.420   -0.894  0.50 8.65  ? 31 LEU B HB3  1 
ATOM   407 H HG   A LEU B 1 12 ? 0.364   4.820   0.668   0.50 9.16  ? 31 LEU B HG   1 
ATOM   408 H HG   B LEU B 1 12 ? 1.487   5.557   0.711   0.50 9.33  ? 31 LEU B HG   1 
ATOM   409 H HD11 A LEU B 1 12 ? 0.568   3.090   2.287   0.50 16.09 ? 31 LEU B HD11 1 
ATOM   410 H HD11 B LEU B 1 12 ? 0.373   3.571   1.394   0.50 12.54 ? 31 LEU B HD11 1 
ATOM   411 H HD12 A LEU B 1 12 ? 1.639   2.373   1.395   0.50 16.09 ? 31 LEU B HD12 1 
ATOM   412 H HD12 B LEU B 1 12 ? 1.386   3.953   2.528   0.50 12.54 ? 31 LEU B HD12 1 
ATOM   413 H HD13 A LEU B 1 12 ? 0.156   2.488   0.899   0.50 16.09 ? 31 LEU B HD13 1 
ATOM   414 H HD13 B LEU B 1 12 ? 1.739   2.811   1.514   0.50 12.54 ? 31 LEU B HD13 1 
ATOM   415 H HD21 A LEU B 1 12 ? 1.838   5.161   2.417   0.50 15.79 ? 31 LEU B HD21 1 
ATOM   416 H HD21 B LEU B 1 12 ? 3.791   5.541   0.344   0.50 12.63 ? 31 LEU B HD21 1 
ATOM   417 H HD22 A LEU B 1 12 ? 2.287   5.955   1.142   0.50 15.79 ? 31 LEU B HD22 1 
ATOM   418 H HD22 B LEU B 1 12 ? 3.890   4.056   0.838   0.50 12.63 ? 31 LEU B HD22 1 
ATOM   419 H HD23 A LEU B 1 12 ? 3.016   4.625   1.534   0.50 15.79 ? 31 LEU B HD23 1 
ATOM   420 H HD23 B LEU B 1 12 ? 3.551   5.201   1.855   0.50 12.63 ? 31 LEU B HD23 1 
HETATM 421 N N    . AIB B 1 13 ? 1.965   5.042   -4.123  1.00 12.11 ? 32 AIB B N    1 
HETATM 422 C CA   . AIB B 1 13 ? 2.386   4.559   -5.451  1.00 14.43 ? 32 AIB B CA   1 
HETATM 423 C C    . AIB B 1 13 ? 3.883   4.910   -5.662  1.00 12.56 ? 32 AIB B C    1 
HETATM 424 O O    . AIB B 1 13 ? 4.608   4.033   -6.229  1.00 15.53 ? 32 AIB B O    1 
HETATM 425 C CB1  . AIB B 1 13 ? 1.587   5.155   -6.520  1.00 21.21 ? 32 AIB B CB1  1 
HETATM 426 C CB2  . AIB B 1 13 ? 2.325   2.986   -5.339  1.00 18.80 ? 32 AIB B CB2  1 
HETATM 427 H H    . AIB B 1 13 ? 1.244   5.506   -4.076  1.00 14.54 ? 32 AIB B H    1 
HETATM 428 H HB11 . AIB B 1 13 ? 0.662   4.936   -6.389  1.00 31.81 ? 32 AIB B HB11 1 
HETATM 429 H HB12 . AIB B 1 13 ? 1.880   4.814   -7.368  1.00 31.81 ? 32 AIB B HB12 1 
HETATM 430 H HB13 . AIB B 1 13 ? 1.694   6.109   -6.506  1.00 31.81 ? 32 AIB B HB13 1 
HETATM 431 H HB21 . AIB B 1 13 ? 2.881   2.695   -4.613  1.00 28.20 ? 32 AIB B HB21 1 
HETATM 432 H HB22 . AIB B 1 13 ? 2.638   2.595   -6.158  1.00 28.20 ? 32 AIB B HB22 1 
HETATM 433 H HB23 . AIB B 1 13 ? 1.420   2.712   -5.179  1.00 28.20 ? 32 AIB B HB23 1 
ATOM   434 N N    . PRO B 1 14 ? 4.433   6.100   -5.312  1.00 12.04 ? 33 PRO B N    1 
ATOM   435 C CA   . PRO B 1 14 ? 5.784   6.302   -5.646  1.00 13.55 ? 33 PRO B CA   1 
ATOM   436 C C    . PRO B 1 14 ? 6.813   5.607   -4.784  1.00 11.76 ? 33 PRO B C    1 
ATOM   437 O O    . PRO B 1 14 ? 8.035   5.717   -5.068  1.00 15.41 ? 33 PRO B O    1 
ATOM   438 C CB   . PRO B 1 14 ? 6.012   7.867   -5.334  1.00 17.72 ? 33 PRO B CB   1 
ATOM   439 C CG   . PRO B 1 14 ? 4.745   8.399   -4.973  1.00 17.73 ? 33 PRO B CG   1 
ATOM   440 C CD   . PRO B 1 14 ? 3.827   7.313   -4.787  1.00 14.33 ? 33 PRO B CD   1 
ATOM   441 H HA   . PRO B 1 14 ? 5.938   6.110   -6.595  1.00 16.26 ? 33 PRO B HA   1 
ATOM   442 H HB2  . PRO B 1 14 ? 6.645   7.979   -4.608  1.00 21.26 ? 33 PRO B HB2  1 
ATOM   443 H HB3  . PRO B 1 14 ? 6.357   8.321   -6.119  1.00 21.26 ? 33 PRO B HB3  1 
ATOM   444 H HG2  . PRO B 1 14 ? 4.823   8.910   -4.153  1.00 21.27 ? 33 PRO B HG2  1 
ATOM   445 H HG3  . PRO B 1 14 ? 4.423   8.988   -5.672  1.00 21.27 ? 33 PRO B HG3  1 
ATOM   446 H HD2  . PRO B 1 14 ? 3.630   7.205   -3.844  1.00 17.19 ? 33 PRO B HD2  1 
ATOM   447 H HD3  . PRO B 1 14 ? 2.997   7.499   -5.254  1.00 17.19 ? 33 PRO B HD3  1 
HETATM 448 N N    . DCL B 1 15 ? 6.412   4.911   -3.749  1.00 12.08 ? 34 DCL B N    1 
HETATM 449 C CA   . DCL B 1 15 ? 7.246   4.227   -2.743  1.00 14.84 ? 34 DCL B CA   1 
HETATM 450 C C    . DCL B 1 15 ? 7.036   2.693   -2.743  1.00 17.40 ? 34 DCL B C    1 
HETATM 451 C CB   . DCL B 1 15 ? 6.914   4.677   -1.338  1.00 18.31 ? 34 DCL B CB   1 
HETATM 452 C CG   . DCL B 1 15 ? 7.281   6.013   -0.981  1.00 19.82 ? 34 DCL B CG   1 
HETATM 453 C CD1  . DCL B 1 15 ? 8.811   6.031   -0.508  1.00 27.05 ? 34 DCL B CD1  1 
HETATM 454 C CD2  . DCL B 1 15 ? 6.435   6.557   0.068   1.00 34.56 ? 34 DCL B CD2  1 
HETATM 455 O O    . DCL B 1 15 ? 7.463   2.182   -3.892  1.00 24.50 ? 34 DCL B O    1 
HETATM 456 H H2   . DCL B 1 15 ? 5.561   4.845   -3.643  1.00 14.49 ? 34 DCL B H2   1 
HETATM 457 H HA   . DCL B 1 15 ? 8.190   4.419   -2.926  1.00 17.80 ? 34 DCL B HA   1 
HETATM 458 H HC1  . DCL B 1 15 ? 7.525   2.296   -2.006  1.00 20.89 ? 34 DCL B HC1  1 
HETATM 459 H HC2  . DCL B 1 15 ? 6.093   2.492   -2.625  1.00 20.89 ? 34 DCL B HC2  1 
HETATM 460 H HB1  . DCL B 1 15 ? 5.957   4.585   -1.212  1.00 21.97 ? 34 DCL B HB1  1 
HETATM 461 H HB2  . DCL B 1 15 ? 7.347   4.071   -0.718  1.00 21.97 ? 34 DCL B HB2  1 
HETATM 462 H HG   . DCL B 1 15 ? 7.194   6.582   -1.774  1.00 23.78 ? 34 DCL B HG   1 
HETATM 463 H HD11 . DCL B 1 15 ? 9.372   5.735   -1.228  1.00 40.57 ? 34 DCL B HD11 1 
HETATM 464 H HD12 . DCL B 1 15 ? 8.920   5.447   0.246   1.00 40.57 ? 34 DCL B HD12 1 
HETATM 465 H HD13 . DCL B 1 15 ? 9.058   6.926   -0.258  1.00 40.57 ? 34 DCL B HD13 1 
HETATM 466 H HD21 . DCL B 1 15 ? 6.722   7.447   0.282   1.00 51.83 ? 34 DCL B HD21 1 
HETATM 467 H HD22 . DCL B 1 15 ? 6.500   6.004   0.851   1.00 51.83 ? 34 DCL B HD22 1 
HETATM 468 H HD23 . DCL B 1 15 ? 5.524   6.577   -0.233  1.00 51.83 ? 34 DCL B HD23 1 
HETATM 469 H HO   . DCL B 1 15 ? 7.215   2.658   -4.512  1.00 36.76 ? 34 DCL B HO   1 
HETATM 470 N N    . CCN C 2 .  ? 9.448   -14.932 -10.545 0.25 32.24 ? 74 CCN A N    1 
HETATM 471 C C1   . CCN C 2 .  ? 9.676   -14.338 -9.596  0.25 32.73 ? 74 CCN A C1   1 
HETATM 472 C C2   . CCN C 2 .  ? 9.769   -13.331 -8.522  0.25 33.95 ? 74 CCN A C2   1 
HETATM 473 N N    . CCN D 2 .  ? 8.027   -14.018 -6.209  0.25 20.59 ? 75 CCN A N    1 
HETATM 474 C C1   . CCN D 2 .  ? 8.029   -12.892 -6.385  0.25 23.59 ? 75 CCN A C1   1 
HETATM 475 C C2   . CCN D 2 .  ? 8.026   -11.444 -6.639  0.25 22.88 ? 75 CCN A C2   1 
HETATM 476 C C    . MOH E 3 .  ? -17.477 2.670   7.982   0.50 18.49 ? 71 MOH B C    1 
HETATM 477 O O    . MOH E 3 .  ? -18.276 3.833   7.879   0.50 22.65 ? 71 MOH B O    1 
HETATM 478 C C    . MOH F 3 .  ? -17.181 7.491   7.296   0.50 22.95 ? 72 MOH B C    1 
HETATM 479 O O    A MOH F 3 .  ? -17.993 6.215   7.371   0.33 21.72 ? 72 MOH B O    1 
HETATM 480 O O    B MOH F 3 .  ? -17.935 8.754   7.048   0.17 20.58 ? 72 MOH B O    1 
HETATM 481 O O    . HOH G 4 .  ? 3.210   8.941   6.141   1.00 15.91 ? 51 HOH A O    1 
HETATM 482 O O    . HOH G 4 .  ? -0.112  -10.024 -15.302 1.00 16.77 ? 52 HOH A O    1 
HETATM 483 O O    . HOH G 4 .  ? 2.578   -14.286 -13.053 1.00 21.69 ? 53 HOH A O    1 
HETATM 484 O O    . HOH G 4 .  ? 4.633   -9.881  -15.281 1.00 19.83 ? 54 HOH A O    1 
HETATM 485 O O    . HOH G 4 .  ? -1.759  -9.044  -8.032  1.00 13.32 ? 55 HOH A O    1 
HETATM 486 O O    . HOH G 4 .  ? -3.813  -9.768  -6.248  1.00 13.48 ? 56 HOH A O    1 
HETATM 487 O O    . HOH G 4 .  ? 2.003   -9.001  -13.831 1.00 19.64 ? 59 HOH A O    1 
HETATM 488 O O    . HOH G 4 .  ? 2.184   -11.601 -15.227 1.00 26.05 ? 60 HOH A O    1 
HETATM 489 O O    . HOH G 4 .  ? -0.280  -12.305 -15.051 0.50 27.82 ? 64 HOH A O    1 
HETATM 490 O O    . HOH H 4 .  ? -13.692 4.155   11.836  1.00 23.98 ? 57 HOH B O    1 
HETATM 491 O O    . HOH H 4 .  ? -17.112 -1.205  11.147  1.00 23.31 ? 58 HOH B O    1 
HETATM 492 O O    . HOH H 4 .  ? 4.924   -0.533  -5.250  0.50 22.65 ? 61 HOH B O    1 
HETATM 493 O O    . HOH H 4 .  ? -10.558 7.235   6.476   0.50 23.35 ? 62 HOH B O    1 
HETATM 494 O O    . HOH H 4 .  ? -14.692 3.018   9.267   0.50 26.69 ? 63 HOH B O    1 
HETATM 495 O O    . HOH H 4 .  ? -16.539 1.940   11.296  0.50 20.40 ? 65 HOH B O    1 
HETATM 496 O O    . HOH H 4 .  ? -20.704 9.805   9.993   0.50 20.77 ? 70 HOH B O    1 
# 
loop_
_atom_site_anisotrop.id 
_atom_site_anisotrop.type_symbol 
_atom_site_anisotrop.pdbx_label_atom_id 
_atom_site_anisotrop.pdbx_label_alt_id 
_atom_site_anisotrop.pdbx_label_comp_id 
_atom_site_anisotrop.pdbx_label_asym_id 
_atom_site_anisotrop.pdbx_label_seq_id 
_atom_site_anisotrop.pdbx_PDB_ins_code 
_atom_site_anisotrop.U[1][1] 
_atom_site_anisotrop.U[2][2] 
_atom_site_anisotrop.U[3][3] 
_atom_site_anisotrop.U[1][2] 
_atom_site_anisotrop.U[1][3] 
_atom_site_anisotrop.U[2][3] 
_atom_site_anisotrop.pdbx_auth_seq_id 
_atom_site_anisotrop.pdbx_auth_comp_id 
_atom_site_anisotrop.pdbx_auth_asym_id 
_atom_site_anisotrop.pdbx_auth_atom_id 
1   C C   . ACE A 1  ? 0.2791 0.1524 0.1382 0.1071  0.0720  0.0444  0  ACE A C   
2   O O   . ACE A 1  ? 0.2291 0.1787 0.1097 0.0659  0.0442  0.0355  0  ACE A O   
3   C CH3 . ACE A 1  ? 0.3897 0.1532 0.1799 0.1344  0.0853  0.0405  0  ACE A CH3 
7   N N   . AIB A 2  ? 0.2777 0.1191 0.1063 0.0777  0.0506  0.0141  1  AIB A N   
8   C CA  . AIB A 2  ? 0.2738 0.1011 0.1078 0.0381  0.0605  0.0073  1  AIB A CA  
9   C C   . AIB A 2  ? 0.2291 0.0858 0.0731 0.0339  0.0033  0.0014  1  AIB A C   
10  O O   . AIB A 2  ? 0.1946 0.0930 0.0861 0.0339  0.0034  -0.0064 1  AIB A O   
11  C CB1 . AIB A 2  ? 0.3794 0.1270 0.1410 0.0853  0.0717  0.0364  1  AIB A CB1 
12  C CB2 . AIB A 2  ? 0.2518 0.1421 0.1727 0.0109  0.0763  0.0034  1  AIB A CB2 
20  N N   . ASN A 3  ? 0.2309 0.1130 0.0743 0.0440  -0.0194 -0.0166 2  ASN A N   
21  C CA  . ASN A 3  ? 0.1989 0.1213 0.1010 0.0363  -0.0376 -0.0281 2  ASN A CA  
22  C C   . ASN A 3  ? 0.1652 0.1102 0.0942 0.0106  -0.0239 -0.0243 2  ASN A C   
23  O O   . ASN A 3  ? 0.1318 0.1405 0.1083 0.0122  -0.0374 -0.0182 2  ASN A O   
24  C CB  . ASN A 3  ? 0.2392 0.1588 0.1302 -0.0060 -0.0531 -0.0310 2  ASN A CB  
25  C CG  . ASN A 3  ? 0.2621 0.1522 0.1500 -0.0378 -0.0402 -0.0070 2  ASN A CG  
26  O OD1 . ASN A 3  ? 0.3372 0.2607 0.1986 0.0040  0.0194  -0.0995 2  ASN A OD1 
27  N ND2 . ASN A 3  ? 0.2790 0.1775 0.2667 -0.0574 -0.1260 0.0472  2  ASN A ND2 
34  N N   . LEU A 4  ? 0.1298 0.0799 0.0708 0.0119  -0.0076 -0.0079 3  LEU A N   
35  C CA  . LEU A 4  ? 0.1074 0.0804 0.0768 0.0018  -0.0053 -0.0097 3  LEU A CA  
36  C C   . LEU A 4  ? 0.0957 0.0752 0.0730 0.0028  -0.0006 -0.0011 3  LEU A C   
37  O O   . LEU A 4  ? 0.1199 0.0794 0.0666 0.0114  -0.0030 -0.0041 3  LEU A O   
38  C CB  . LEU A 4  ? 0.1253 0.0738 0.0898 0.0140  -0.0156 -0.0036 3  LEU A CB  
39  C CG  . LEU A 4  ? 0.1556 0.0867 0.1061 0.0037  -0.0366 -0.0062 3  LEU A CG  
40  C CD1 . LEU A 4  ? 0.2744 0.0837 0.1785 0.0372  -0.0846 -0.0365 3  LEU A CD1 
41  C CD2 . LEU A 4  ? 0.1743 0.1144 0.1448 -0.0441 0.0037  0.0001  3  LEU A CD2 
53  N N   . AIB A 5  ? 0.1139 0.0809 0.0657 -0.0062 -0.0050 -0.0066 4  AIB A N   
54  C CA  . AIB A 5  ? 0.1024 0.0790 0.0804 -0.0107 -0.0004 -0.0034 4  AIB A CA  
55  C C   . AIB A 5  ? 0.1079 0.0655 0.0679 -0.0110 -0.0080 0.0079  4  AIB A C   
56  O O   . AIB A 5  ? 0.0918 0.0750 0.0749 -0.0184 -0.0139 -0.0016 4  AIB A O   
57  C CB1 . AIB A 5  ? 0.1441 0.1009 0.0849 -0.0280 -0.0025 0.0093  4  AIB A CB1 
58  C CB2 . AIB A 5  ? 0.0948 0.1418 0.1034 0.0061  -0.0016 -0.0281 4  AIB A CB2 
66  N N   . PRO A 6  ? 0.0839 0.0578 0.0794 -0.0026 -0.0211 0.0035  5  PRO A N   
67  C CA  . PRO A 6  ? 0.0833 0.0504 0.0869 0.0012  -0.0090 -0.0112 5  PRO A CA  
68  C C   . PRO A 6  ? 0.0706 0.0480 0.0759 -0.0039 -0.0028 -0.0115 5  PRO A C   
69  O O   . PRO A 6  ? 0.0710 0.0668 0.0824 -0.0013 -0.0019 -0.0117 5  PRO A O   
70  C CB  . PRO A 6  ? 0.0844 0.0711 0.1009 0.0097  -0.0169 -0.0141 5  PRO A CB  
71  C CG  . PRO A 6  ? 0.0917 0.0791 0.1192 -0.0024 -0.0282 0.0008  5  PRO A CG  
72  C CD  . PRO A 6  ? 0.1077 0.0707 0.0737 -0.0059 -0.0265 0.0013  5  PRO A CD  
80  N N   . ALA A 7  ? 0.0868 0.0539 0.0695 -0.0026 -0.0059 -0.0064 6  ALA A N   
81  C CA  . ALA A 7  ? 0.0808 0.0595 0.0668 -0.0029 0.0032  0.0047  6  ALA A CA  
82  C C   . ALA A 7  ? 0.0764 0.0539 0.0725 -0.0001 0.0020  0.0047  6  ALA A C   
83  O O   . ALA A 7  ? 0.1150 0.0793 0.0686 -0.0153 -0.0149 0.0117  6  ALA A O   
84  C CB  . ALA A 7  ? 0.0917 0.0573 0.0788 0.0037  0.0038  0.0092  6  ALA A CB  
90  N N   . VAL A 8  ? 0.0748 0.0617 0.0716 -0.0014 -0.0061 0.0066  7  VAL A N   
91  C CA  . VAL A 8  ? 0.0668 0.0763 0.0941 -0.0138 -0.0232 0.0161  7  VAL A CA  
92  C C   . VAL A 8  ? 0.0754 0.0594 0.0891 -0.0104 -0.0218 0.0053  7  VAL A C   
93  O O   . VAL A 8  ? 0.0826 0.0771 0.0906 -0.0154 -0.0248 -0.0032 7  VAL A O   
94  C CB  A VAL A 8  ? 0.0731 0.0630 0.0814 -0.0052 -0.0136 -0.0202 7  VAL A CB  
95  C CB  B VAL A 8  ? 0.0675 0.0580 0.0848 -0.0184 -0.0277 -0.0257 7  VAL A CB  
96  C CG1 A VAL A 8  ? 0.0819 0.0946 0.0945 0.0047  0.0006  -0.0045 7  VAL A CG1 
97  C CG1 B VAL A 8  ? 0.0607 0.0957 0.0734 -0.0253 -0.0063 0.0114  7  VAL A CG1 
98  C CG2 A VAL A 8  ? 0.1105 0.0766 0.1075 -0.0271 -0.0022 0.0121  7  VAL A CG2 
99  C CG2 B VAL A 8  ? 0.0624 0.1069 0.0804 -0.0017 -0.0267 -0.0122 7  VAL A CG2 
116 N N   . AIB A 9  ? 0.0921 0.0592 0.1042 0.0002  -0.0434 -0.0108 8  AIB A N   
117 C CA  . AIB A 9  ? 0.0966 0.0652 0.1177 0.0106  -0.0441 -0.0176 8  AIB A CA  
118 C C   . AIB A 9  ? 0.0666 0.0671 0.1108 0.0020  -0.0368 -0.0104 8  AIB A C   
119 O O   . AIB A 9  ? 0.0839 0.0569 0.1256 -0.0020 -0.0340 -0.0150 8  AIB A O   
120 C CB1 . AIB A 9  ? 0.1080 0.0850 0.1698 0.0282  -0.0810 -0.0339 8  AIB A CB1 
121 C CB2 . AIB A 9  ? 0.1447 0.0709 0.1102 0.0124  -0.0459 -0.0047 8  AIB A CB2 
129 N N   . PRO A 10 ? 0.0632 0.0538 0.1174 -0.0085 -0.0237 -0.0050 9  PRO A N   
130 C CA  . PRO A 10 ? 0.0640 0.0674 0.1207 -0.0152 -0.0021 -0.0173 9  PRO A CA  
131 C C   . PRO A 10 ? 0.0678 0.0635 0.1010 -0.0106 -0.0124 -0.0018 9  PRO A C   
132 O O   . PRO A 10 ? 0.0928 0.0869 0.1085 -0.0273 0.0067  -0.0154 9  PRO A O   
133 C CB  . PRO A 10 ? 0.0665 0.0699 0.1214 -0.0154 -0.0006 0.0012  9  PRO A CB  
134 C CG  . PRO A 10 ? 0.0641 0.0694 0.1509 -0.0126 -0.0165 -0.0043 9  PRO A CG  
135 C CD  . PRO A 10 ? 0.0700 0.0557 0.1372 -0.0039 -0.0332 -0.0137 9  PRO A CD  
143 N N   . AIB A 11 ? 0.0535 0.0568 0.0942 -0.0078 -0.0128 -0.0069 10 AIB A N   
144 C CA  . AIB A 11 ? 0.0564 0.0619 0.0945 -0.0170 -0.0133 -0.0009 10 AIB A CA  
145 C C   . AIB A 11 ? 0.0713 0.0657 0.0885 -0.0171 -0.0092 -0.0066 10 AIB A C   
146 O O   . AIB A 11 ? 0.0840 0.0736 0.1209 -0.0140 -0.0317 -0.0188 10 AIB A O   
147 C CB1 . AIB A 11 ? 0.0476 0.0677 0.1170 -0.0121 -0.0167 0.0007  10 AIB A CB1 
148 C CB2 . AIB A 11 ? 0.0959 0.0844 0.1067 -0.0253 -0.0267 0.0087  10 AIB A CB2 
156 N N   . LEU A 12 ? 0.0632 0.0569 0.0967 -0.0073 -0.0108 -0.0168 11 LEU A N   
157 C CA  . LEU A 12 ? 0.0855 0.0556 0.1113 -0.0084 -0.0011 -0.0179 11 LEU A CA  
158 C C   . LEU A 12 ? 0.1158 0.0818 0.1301 0.0002  0.0021  -0.0366 11 LEU A C   
159 O O   . LEU A 12 ? 0.1248 0.0869 0.1313 0.0219  -0.0139 -0.0402 11 LEU A O   
160 C CB  . LEU A 12 ? 0.0690 0.0545 0.1235 0.0038  -0.0131 -0.0176 11 LEU A CB  
161 C CG  . LEU A 12 ? 0.0831 0.0589 0.1075 0.0055  -0.0056 -0.0044 11 LEU A CG  
162 C CD1 . LEU A 12 ? 0.1220 0.0789 0.1252 0.0215  -0.0264 -0.0018 11 LEU A CD1 
163 C CD2 . LEU A 12 ? 0.0866 0.1034 0.1376 -0.0152 0.0057  0.0034  11 LEU A CD2 
175 N N   . AIB A 13 ? 0.1865 0.0809 0.1665 -0.0283 0.0793  -0.0434 12 AIB A N   
176 C CA  . AIB A 13 ? 0.2726 0.1081 0.1995 -0.0230 0.1223  -0.0739 12 AIB A CA  
177 C C   . AIB A 13 ? 0.2320 0.0936 0.1160 -0.0018 0.0631  -0.0169 12 AIB A C   
178 O O   . AIB A 13 ? 0.1854 0.1145 0.1260 0.0162  0.0454  -0.0341 12 AIB A O   
179 C CB1 . AIB A 13 ? 0.5593 0.1225 0.3024 -0.0573 0.2990  -0.0325 12 AIB A CB1 
180 C CB2 . AIB A 13 ? 0.1603 0.3047 0.3638 -0.0608 0.1135  -0.2231 12 AIB A CB2 
188 N N   . PRO A 14 ? 0.2105 0.1014 0.1267 0.0548  0.0236  -0.0130 13 PRO A N   
189 C CA  . PRO A 14 ? 0.1942 0.1390 0.1090 0.0631  -0.0322 -0.0145 13 PRO A CA  
190 C C   . PRO A 14 ? 0.1538 0.0968 0.1420 0.0366  -0.0414 -0.0294 13 PRO A C   
191 O O   . PRO A 14 ? 0.2692 0.1408 0.1725 0.0795  -0.1105 -0.0780 13 PRO A O   
192 C CB  . PRO A 14 ? 0.2308 0.1854 0.1969 0.0827  -0.0786 0.0046  13 PRO A CB  
193 C CG  . PRO A 14 ? 0.2937 0.2317 0.1700 0.1329  -0.0670 -0.0473 13 PRO A CG  
194 C CD  . PRO A 14 ? 0.2704 0.1441 0.1213 0.1126  -0.0015 0.0027  13 PRO A CD  
202 N N   . DCL A 15 ? 0.1185 0.0923 0.1104 0.0225  -0.0255 -0.0269 14 DCL A N   
203 C CA  . DCL A 15 ? 0.1090 0.0853 0.1532 0.0107  -0.0363 -0.0059 14 DCL A CA  
204 C C   . DCL A 15 ? 0.1351 0.1439 0.1833 0.0237  0.0078  0.0393  14 DCL A C   
205 C CB  . DCL A 15 ? 0.1584 0.1036 0.1428 -0.0070 -0.0312 -0.0121 14 DCL A CB  
206 C CG  A DCL A 15 ? 0.1436 0.0727 0.2302 -0.0052 0.0229  -0.0374 14 DCL A CG  
207 C CG  B DCL A 15 ? 0.1216 0.1298 0.2391 -0.0355 0.0178  -0.0379 14 DCL A CG  
208 C CD1 A DCL A 15 ? 0.1322 0.1862 0.2779 -0.0263 -0.0633 0.0412  14 DCL A CD1 
209 C CD1 B DCL A 15 ? 0.1064 0.2082 0.4163 -0.0477 0.0084  -0.1707 14 DCL A CD1 
210 C CD2 A DCL A 15 ? 0.2043 0.1479 0.2199 -0.0825 0.0398  -0.0642 14 DCL A CD2 
211 C CD2 B DCL A 15 ? 0.2190 0.2344 0.3852 -0.0440 0.0700  -0.1601 14 DCL A CD2 
212 O O   . DCL A 15 ? 0.1580 0.2035 0.2219 0.0691  0.0011  -0.0319 14 DCL A O   
234 C C   . ACE B 1  ? 0.1454 0.1251 0.1158 0.0153  0.0337  0.0193  20 ACE B C   
235 O O   . ACE B 1  ? 0.1773 0.1180 0.1277 -0.0081 0.0231  0.0135  20 ACE B O   
236 C CH3 . ACE B 1  ? 0.2630 0.1500 0.1870 0.0783  0.0794  0.0513  20 ACE B CH3 
240 N N   . AIB B 2  ? 0.1581 0.1090 0.1061 0.0192  0.0189  0.0055  21 AIB B N   
241 C CA  . AIB B 2  ? 0.1515 0.0960 0.1049 0.0091  -0.0074 -0.0019 21 AIB B CA  
242 C C   . AIB B 2  ? 0.1010 0.1163 0.0794 0.0084  -0.0125 0.0035  21 AIB B C   
243 O O   . AIB B 2  ? 0.1101 0.1403 0.1066 0.0078  -0.0203 -0.0297 21 AIB B O   
244 C CB1 . AIB B 2  ? 0.1385 0.1236 0.1368 -0.0070 -0.0265 -0.0175 21 AIB B CB1 
245 C CB2 . AIB B 2  ? 0.1681 0.1405 0.0906 0.0177  -0.0103 0.0096  21 AIB B CB2 
253 N N   . ASN B 3  ? 0.1123 0.1382 0.0977 -0.0301 -0.0055 0.0384  22 ASN B N   
254 C CA  . ASN B 3  ? 0.1074 0.1346 0.1193 -0.0488 -0.0216 0.0342  22 ASN B CA  
255 C C   . ASN B 3  ? 0.1161 0.1402 0.1062 -0.0518 -0.0368 0.0439  22 ASN B C   
256 O O   . ASN B 3  ? 0.2056 0.1401 0.1246 -0.0529 -0.0435 0.0218  22 ASN B O   
257 C CB  . ASN B 3  ? 0.1405 0.2346 0.1753 -0.0951 -0.0525 0.1055  22 ASN B CB  
258 C CG  . ASN B 3  ? 0.1432 0.1892 0.1780 -0.0696 -0.0486 0.0738  22 ASN B CG  
259 O OD1 . ASN B 3  ? 0.1689 0.1981 0.1637 -0.0537 -0.0364 0.0768  22 ASN B OD1 
260 N ND2 . ASN B 3  ? 0.1582 0.2121 0.2518 -0.0510 -0.0040 0.0551  22 ASN B ND2 
267 N N   . LEU B 4  ? 0.0856 0.1402 0.0839 -0.0174 -0.0124 0.0308  23 LEU B N   
268 C CA  . LEU B 4  ? 0.0808 0.1301 0.0812 -0.0047 -0.0156 0.0299  23 LEU B CA  
269 C C   . LEU B 4  ? 0.0834 0.1100 0.0815 -0.0082 -0.0093 0.0216  23 LEU B C   
270 O O   . LEU B 4  ? 0.0869 0.1128 0.0829 -0.0029 -0.0003 0.0262  23 LEU B O   
271 C CB  . LEU B 4  ? 0.0958 0.1270 0.1055 0.0109  0.0102  0.0246  23 LEU B CB  
272 C CG  . LEU B 4  ? 0.0959 0.1620 0.1272 0.0141  0.0059  0.0511  23 LEU B CG  
273 C CD1 . LEU B 4  ? 0.0966 0.2249 0.2265 0.0237  0.0437  0.0817  23 LEU B CD1 
274 C CD2 . LEU B 4  ? 0.0942 0.2378 0.1842 -0.0116 -0.0367 0.0230  23 LEU B CD2 
286 N N   . AIB B 5  ? 0.0788 0.1301 0.0800 -0.0191 -0.0135 0.0248  24 AIB B N   
287 C CA  . AIB B 5  ? 0.0726 0.1384 0.0951 -0.0217 -0.0186 0.0137  24 AIB B CA  
288 C C   . AIB B 5  ? 0.0740 0.1037 0.0839 -0.0113 -0.0199 0.0297  24 AIB B C   
289 O O   . AIB B 5  ? 0.0727 0.1000 0.0966 -0.0202 -0.0180 0.0230  24 AIB B O   
290 C CB1 . AIB B 5  ? 0.1264 0.1570 0.0870 -0.0205 -0.0018 0.0028  24 AIB B CB1 
291 C CB2 . AIB B 5  ? 0.0997 0.1671 0.0813 -0.0165 -0.0243 0.0289  24 AIB B CB2 
299 N N   . PRO B 6  ? 0.0627 0.0852 0.1035 -0.0116 -0.0214 0.0249  25 PRO B N   
300 C CA  . PRO B 6  ? 0.0586 0.0912 0.1060 0.0012  0.0017  0.0127  25 PRO B CA  
301 C C   . PRO B 6  ? 0.0660 0.0759 0.0875 -0.0122 -0.0161 0.0080  25 PRO B C   
302 O O   . PRO B 6  ? 0.0633 0.0819 0.1041 -0.0082 -0.0012 -0.0034 25 PRO B O   
303 C CB  . PRO B 6  ? 0.0805 0.0804 0.1335 -0.0058 -0.0066 0.0049  25 PRO B CB  
304 C CG  . PRO B 6  ? 0.0887 0.0892 0.1463 -0.0084 -0.0166 0.0153  25 PRO B CG  
305 C CD  . PRO B 6  ? 0.0842 0.1033 0.1124 -0.0261 -0.0220 0.0360  25 PRO B CD  
313 N N   . ALA B 7  ? 0.0600 0.0852 0.0818 0.0014  -0.0065 0.0162  26 ALA B N   
314 C CA  . ALA B 7  ? 0.0668 0.0848 0.0748 -0.0012 -0.0151 0.0176  26 ALA B CA  
315 C C   . ALA B 7  ? 0.0556 0.0845 0.0713 0.0069  -0.0104 0.0114  26 ALA B C   
316 O O   . ALA B 7  ? 0.0787 0.1074 0.0833 -0.0028 -0.0125 0.0277  26 ALA B O   
317 C CB  . ALA B 7  ? 0.0705 0.0900 0.0815 0.0061  -0.0106 0.0088  26 ALA B CB  
323 N N   . VAL B 8  ? 0.0748 0.0716 0.0709 0.0006  -0.0122 0.0100  27 VAL B N   
324 C CA  . VAL B 8  ? 0.0757 0.0618 0.0938 -0.0102 -0.0235 0.0111  27 VAL B CA  
325 C C   . VAL B 8  ? 0.0686 0.0724 0.0897 -0.0109 -0.0207 0.0118  27 VAL B C   
326 O O   . VAL B 8  ? 0.0740 0.0763 0.1034 -0.0212 -0.0139 0.0097  27 VAL B O   
327 C CB  A VAL B 8  ? 0.0669 0.0726 0.1053 -0.0076 -0.0104 0.0006  27 VAL B CB  
328 C CB  B VAL B 8  ? 0.0494 0.0775 0.0825 -0.0296 -0.0262 0.0192  27 VAL B CB  
329 C CG1 A VAL B 8  ? 0.0879 0.0915 0.1024 -0.0023 0.0089  -0.0091 27 VAL B CG1 
330 C CG1 B VAL B 8  ? 0.1237 0.0365 0.0641 0.0001  -0.0252 -0.0187 27 VAL B CG1 
331 C CG2 A VAL B 8  ? 0.0745 0.0702 0.1070 -0.0130 -0.0232 -0.0038 27 VAL B CG2 
332 C CG2 B VAL B 8  ? 0.0776 0.0536 0.0818 -0.0220 -0.0043 0.0276  27 VAL B CG2 
349 N N   . AIB B 9  ? 0.0594 0.0580 0.1155 -0.0122 -0.0101 0.0178  28 AIB B N   
350 C CA  . AIB B 9  ? 0.0580 0.0607 0.1359 -0.0042 -0.0108 0.0154  28 AIB B CA  
351 C C   . AIB B 9  ? 0.0688 0.0509 0.1323 -0.0163 -0.0047 -0.0050 28 AIB B C   
352 O O   . AIB B 9  ? 0.0567 0.0647 0.1610 -0.0073 -0.0096 -0.0001 28 AIB B O   
353 C CB1 . AIB B 9  ? 0.0742 0.0559 0.1830 -0.0135 -0.0040 0.0149  28 AIB B CB1 
354 C CB2 . AIB B 9  ? 0.0770 0.0896 0.1451 -0.0031 -0.0091 0.0346  28 AIB B CB2 
362 N N   . PRO B 10 ? 0.0653 0.0535 0.1214 -0.0132 -0.0165 0.0036  29 PRO B N   
363 C CA  . PRO B 10 ? 0.0648 0.0743 0.1141 -0.0205 0.0004  -0.0169 29 PRO B CA  
364 C C   . PRO B 10 ? 0.0793 0.0736 0.1157 -0.0260 -0.0075 -0.0054 29 PRO B C   
365 O O   . PRO B 10 ? 0.0765 0.1248 0.1233 -0.0358 0.0121  -0.0328 29 PRO B O   
366 C CB  . PRO B 10 ? 0.0825 0.0794 0.1061 -0.0287 -0.0173 -0.0115 29 PRO B CB  
367 C CG  . PRO B 10 ? 0.0723 0.0686 0.1177 -0.0204 -0.0146 -0.0028 29 PRO B CG  
368 C CD  . PRO B 10 ? 0.0537 0.0606 0.1335 -0.0121 -0.0117 -0.0082 29 PRO B CD  
376 N N   . AIB B 11 ? 0.0591 0.0645 0.1028 -0.0213 -0.0088 -0.0051 30 AIB B N   
377 C CA  . AIB B 11 ? 0.0589 0.0680 0.1130 -0.0233 -0.0133 0.0017  30 AIB B CA  
378 C C   . AIB B 11 ? 0.0592 0.0756 0.1185 -0.0196 -0.0101 -0.0097 30 AIB B C   
379 O O   . AIB B 11 ? 0.0617 0.0867 0.1580 -0.0224 -0.0036 -0.0142 30 AIB B O   
380 C CB1 . AIB B 11 ? 0.0619 0.0651 0.1089 -0.0134 -0.0163 -0.0044 30 AIB B CB1 
381 C CB2 . AIB B 11 ? 0.0908 0.0829 0.1230 -0.0357 -0.0228 0.0192  30 AIB B CB2 
389 N N   . LEU B 12 ? 0.0595 0.0726 0.1260 -0.0106 0.0003  -0.0054 31 LEU B N   
390 C CA  . LEU B 12 ? 0.0621 0.0769 0.1546 -0.0005 0.0055  -0.0132 31 LEU B CA  
391 C C   . LEU B 12 ? 0.0819 0.0901 0.1925 0.0072  0.0373  -0.0146 31 LEU B C   
392 O O   . LEU B 12 ? 0.1031 0.1149 0.2260 0.0052  0.0580  0.0043  31 LEU B O   
393 C CB  A LEU B 12 ? 0.0619 0.0966 0.1614 0.0287  -0.0026 -0.0176 31 LEU B CB  
394 C CB  B LEU B 12 ? 0.0474 0.0617 0.1648 -0.0105 -0.0085 -0.0178 31 LEU B CB  
395 C CG  A LEU B 12 ? 0.0604 0.0713 0.1585 0.0144  -0.0233 0.0012  31 LEU B CG  
396 C CG  B LEU B 12 ? 0.0942 0.0607 0.1404 0.0107  -0.0331 0.0123  31 LEU B CG  
397 C CD1 A LEU B 12 ? 0.0811 0.0988 0.2277 -0.0252 -0.0457 0.0287  31 LEU B CD1 
398 C CD1 B LEU B 12 ? 0.0615 0.1013 0.1548 0.0293  -0.0098 0.0197  31 LEU B CD1 
399 C CD2 A LEU B 12 ? 0.1241 0.1044 0.1714 -0.0289 -0.0461 0.0059  31 LEU B CD2 
400 C CD2 B LEU B 12 ? 0.1165 0.0700 0.1336 -0.0070 -0.0494 0.0111  31 LEU B CD2 
421 N N   . AIB B 13 ? 0.1204 0.1889 0.1511 0.0159  0.0178  -0.0486 32 AIB B N   
422 C CA  . AIB B 13 ? 0.1326 0.2315 0.1841 0.0063  0.0373  -0.0592 32 AIB B CA  
423 C C   . AIB B 13 ? 0.1286 0.1903 0.1581 0.0124  0.0328  -0.0303 32 AIB B C   
424 O O   . AIB B 13 ? 0.1664 0.1917 0.2319 -0.0052 0.0755  -0.0761 32 AIB B O   
425 C CB1 . AIB B 13 ? 0.1844 0.4682 0.1532 0.0913  -0.0031 -0.0936 32 AIB B CB1 
426 C CB2 . AIB B 13 ? 0.1813 0.2341 0.2989 -0.0532 0.0852  -0.1584 32 AIB B CB2 
434 N N   . PRO B 14 ? 0.1438 0.1359 0.1775 0.0189  0.0416  -0.0117 33 PRO B N   
435 C CA  . PRO B 14 ? 0.1634 0.1593 0.1921 0.0180  0.0533  0.0094  33 PRO B CA  
436 C C   . PRO B 14 ? 0.1165 0.1153 0.2149 0.0020  0.0578  0.0051  33 PRO B C   
437 O O   . PRO B 14 ? 0.1403 0.1688 0.2765 0.0015  0.0818  0.0420  33 PRO B O   
438 C CB  . PRO B 14 ? 0.1817 0.1356 0.3560 0.0122  0.0478  0.0693  33 PRO B CB  
439 C CG  . PRO B 14 ? 0.2302 0.1462 0.2971 0.0128  0.0796  -0.0198 33 PRO B CG  
440 C CD  . PRO B 14 ? 0.1678 0.1550 0.2216 0.0480  0.0347  0.0020  33 PRO B CD  
448 N N   . DCL B 15 ? 0.1347 0.1024 0.2218 0.0124  0.0617  0.0063  34 DCL B N   
449 C CA  . DCL B 15 ? 0.1172 0.1988 0.2477 -0.0054 0.0517  0.0555  34 DCL B CA  
450 C C   . DCL B 15 ? 0.2328 0.1869 0.2417 0.0200  0.0683  0.0767  34 DCL B C   
451 C CB  . DCL B 15 ? 0.2149 0.2262 0.2544 -0.0479 0.0229  0.0311  34 DCL B CB  
452 C CG  . DCL B 15 ? 0.2128 0.2215 0.3187 -0.0734 0.0325  0.0205  34 DCL B CG  
453 C CD1 . DCL B 15 ? 0.2777 0.4035 0.3464 -0.0996 -0.0991 0.0033  34 DCL B CD1 
454 C CD2 . DCL B 15 ? 0.4642 0.3065 0.5423 -0.1044 0.2547  -0.0594 34 DCL B CD2 
455 O O   . DCL B 15 ? 0.4101 0.1916 0.3292 0.0979  0.1727  0.0786  34 DCL B O   
470 N N   . CCN C .  ? 0.2810 0.4133 0.5307 0.1155  0.0392  -0.0597 74 CCN A N   
471 C C1  . CCN C .  ? 0.2804 0.4494 0.5138 0.0633  -0.0141 -0.0375 74 CCN A C1  
472 C C2  . CCN C .  ? 0.3080 0.5134 0.4687 0.0301  -0.0473 -0.0313 74 CCN A C2  
473 N N   . CCN D .  ? 0.1324 0.3241 0.3258 0.0233  -0.0933 0.0404  75 CCN A N   
474 C C1  . CCN D .  ? 0.2410 0.2969 0.3585 0.0716  -0.0817 -0.0448 75 CCN A C1  
475 C C2  . CCN D .  ? 0.2844 0.2631 0.3218 -0.0049 -0.0675 -0.1284 75 CCN A C2  
476 C C   . MOH E .  ? 0.1382 0.3328 0.2313 0.0783  0.0995  0.0607  71 MOH B C   
477 O O   . MOH E .  ? 0.2816 0.2700 0.3088 0.0707  0.1584  0.0642  71 MOH B O   
478 C C   . MOH F .  ? 0.3886 0.3019 0.1815 0.0349  0.0530  0.0415  72 MOH B C   
479 O O   A MOH F .  ? 0.3280 0.2995 0.1975 0.0422  0.0395  0.0032  72 MOH B O   
480 O O   B MOH F .  ? 0.2886 0.2937 0.1997 -0.0113 0.0772  0.0617  72 MOH B O   
481 O O   . HOH G .  ? 0.1226 0.2290 0.2529 0.0508  -0.0160 0.0515  51 HOH A O   
482 O O   . HOH G .  ? 0.2823 0.1732 0.1816 -0.0058 -0.0892 0.0083  52 HOH A O   
483 O O   . HOH G .  ? 0.2635 0.2837 0.2769 0.0418  -0.0837 -0.0940 53 HOH A O   
484 O O   . HOH G .  ? 0.2436 0.2688 0.2409 0.0502  -0.0586 -0.0106 54 HOH A O   
485 O O   . HOH G .  ? 0.1528 0.1755 0.1776 -0.0190 -0.0212 0.0447  55 HOH A O   
486 O O   . HOH G .  ? 0.2566 0.1116 0.1440 0.0029  -0.0316 -0.0049 56 HOH A O   
487 O O   . HOH G .  ? 0.3200 0.2031 0.2230 -0.0593 -0.0189 -0.0058 59 HOH A O   
488 O O   . HOH G .  ? 0.2609 0.2729 0.4561 0.0128  -0.0694 -0.0967 60 HOH A O   
489 O O   . HOH G .  ? 0.2681 0.1959 0.5930 0.0266  0.0193  0.0365  64 HOH A O   
490 O O   . HOH H .  ? 0.4952 0.2066 0.2092 0.0435  0.1520  -0.0159 57 HOH B O   
491 O O   . HOH H .  ? 0.2130 0.4700 0.2025 0.1527  0.0585  0.0649  58 HOH B O   
492 O O   . HOH H .  ? 0.2760 0.2432 0.3417 0.1084  0.0509  -0.0400 61 HOH B O   
493 O O   . HOH H .  ? 0.2666 0.3750 0.2455 0.0679  -0.1356 -0.1070 62 HOH B O   
494 O O   . HOH H .  ? 0.1312 0.2124 0.6703 -0.0360 0.1442  -0.1241 63 HOH B O   
495 O O   . HOH H .  ? 0.1922 0.2718 0.3112 0.0805  0.0551  0.0798  65 HOH B O   
496 O O   . HOH H .  ? 0.2185 0.4209 0.1497 0.0729  -0.0129 0.0387  70 HOH B O   
# 
loop_
_pdbx_poly_seq_scheme.asym_id 
_pdbx_poly_seq_scheme.entity_id 
_pdbx_poly_seq_scheme.seq_id 
_pdbx_poly_seq_scheme.mon_id 
_pdbx_poly_seq_scheme.ndb_seq_num 
_pdbx_poly_seq_scheme.pdb_seq_num 
_pdbx_poly_seq_scheme.auth_seq_num 
_pdbx_poly_seq_scheme.pdb_mon_id 
_pdbx_poly_seq_scheme.auth_mon_id 
_pdbx_poly_seq_scheme.pdb_strand_id 
_pdbx_poly_seq_scheme.pdb_ins_code 
_pdbx_poly_seq_scheme.hetero 
A 1 1  ACE 1  0  0  ACE ACE A . n 
A 1 2  AIB 2  1  1  AIB AIB A . n 
A 1 3  ASN 3  2  2  ASN ASN A . n 
A 1 4  LEU 4  3  3  LEU LEU A . n 
A 1 5  AIB 5  4  4  AIB AIB A . n 
A 1 6  PRO 6  5  5  PRO PRO A . n 
A 1 7  ALA 7  6  6  ALA ALA A . n 
A 1 8  VAL 8  7  7  VAL VAL A . n 
A 1 9  AIB 9  8  8  AIB AIB A . n 
A 1 10 PRO 10 9  9  PRO PRO A . n 
A 1 11 AIB 11 10 10 AIB AIB A . n 
A 1 12 LEU 12 11 11 LEU LEU A . n 
A 1 13 AIB 13 12 12 AIB AIB A . n 
A 1 14 PRO 14 13 13 PRO PRO A . n 
A 1 15 DCL 15 14 14 DCL DCL A . n 
B 1 1  ACE 1  20 20 ACE ACE B . n 
B 1 2  AIB 2  21 21 AIB AIB B . n 
B 1 3  ASN 3  22 22 ASN ASN B . n 
B 1 4  LEU 4  23 23 LEU LEU B . n 
B 1 5  AIB 5  24 24 AIB AIB B . n 
B 1 6  PRO 6  25 25 PRO PRO B . n 
B 1 7  ALA 7  26 26 ALA ALA B . n 
B 1 8  VAL 8  27 27 VAL VAL B . n 
B 1 9  AIB 9  28 28 AIB AIB B . n 
B 1 10 PRO 10 29 29 PRO PRO B . n 
B 1 11 AIB 11 30 30 AIB AIB B . n 
B 1 12 LEU 12 31 31 LEU LEU B . n 
B 1 13 AIB 13 32 32 AIB AIB B . n 
B 1 14 PRO 14 33 33 PRO PRO B . n 
B 1 15 DCL 15 34 34 DCL DCL B . n 
# 
loop_
_pdbx_nonpoly_scheme.asym_id 
_pdbx_nonpoly_scheme.entity_id 
_pdbx_nonpoly_scheme.mon_id 
_pdbx_nonpoly_scheme.ndb_seq_num 
_pdbx_nonpoly_scheme.pdb_seq_num 
_pdbx_nonpoly_scheme.auth_seq_num 
_pdbx_nonpoly_scheme.pdb_mon_id 
_pdbx_nonpoly_scheme.auth_mon_id 
_pdbx_nonpoly_scheme.pdb_strand_id 
_pdbx_nonpoly_scheme.pdb_ins_code 
C 2 CCN 1 74 74 CCN CCN A . 
D 2 CCN 1 75 75 CCN CCN A . 
E 3 MOH 1 71 71 MOH MOH B . 
F 3 MOH 1 72 72 MOH MOH B . 
G 4 HOH 1 51 51 HOH HOH A . 
G 4 HOH 2 52 52 HOH HOH A . 
G 4 HOH 3 53 53 HOH HOH A . 
G 4 HOH 4 54 54 HOH HOH A . 
G 4 HOH 5 55 55 HOH HOH A . 
G 4 HOH 6 56 56 HOH HOH A . 
G 4 HOH 7 59 59 HOH HOH A . 
G 4 HOH 8 60 60 HOH HOH A . 
G 4 HOH 9 64 64 HOH HOH A . 
H 4 HOH 1 57 57 HOH HOH B . 
H 4 HOH 2 58 58 HOH HOH B . 
H 4 HOH 3 61 61 HOH HOH B . 
H 4 HOH 4 62 62 HOH HOH B . 
H 4 HOH 5 63 63 HOH HOH B . 
H 4 HOH 6 65 65 HOH HOH B . 
H 4 HOH 7 70 70 HOH HOH B . 
# 
_pdbx_molecule_features.prd_id    PRD_000828 
_pdbx_molecule_features.name      'Trichovirin I-4A' 
_pdbx_molecule_features.type      Peptaibol 
_pdbx_molecule_features.class     Antibiotic 
_pdbx_molecule_features.details   ? 
# 
loop_
_pdbx_molecule.instance_id 
_pdbx_molecule.prd_id 
_pdbx_molecule.asym_id 
1 PRD_000828 B 
2 PRD_000828 A 
# 
loop_
_pdbx_struct_assembly.id 
_pdbx_struct_assembly.details 
_pdbx_struct_assembly.method_details 
_pdbx_struct_assembly.oligomeric_details 
_pdbx_struct_assembly.oligomeric_count 
1 software_defined_assembly            PISA monomeric 1 
2 author_and_software_defined_assembly PISA monomeric 1 
# 
loop_
_pdbx_struct_assembly_gen.assembly_id 
_pdbx_struct_assembly_gen.oper_expression 
_pdbx_struct_assembly_gen.asym_id_list 
1 1 A,C,D,G 
2 1 B,E,F,H 
# 
_pdbx_struct_oper_list.id                   1 
_pdbx_struct_oper_list.type                 'identity operation' 
_pdbx_struct_oper_list.name                 1_555 
_pdbx_struct_oper_list.symmetry_operation   x,y,z 
_pdbx_struct_oper_list.matrix[1][1]         1.0000000000 
_pdbx_struct_oper_list.matrix[1][2]         0.0000000000 
_pdbx_struct_oper_list.matrix[1][3]         0.0000000000 
_pdbx_struct_oper_list.vector[1]            0.0000000000 
_pdbx_struct_oper_list.matrix[2][1]         0.0000000000 
_pdbx_struct_oper_list.matrix[2][2]         1.0000000000 
_pdbx_struct_oper_list.matrix[2][3]         0.0000000000 
_pdbx_struct_oper_list.vector[2]            0.0000000000 
_pdbx_struct_oper_list.matrix[3][1]         0.0000000000 
_pdbx_struct_oper_list.matrix[3][2]         0.0000000000 
_pdbx_struct_oper_list.matrix[3][3]         1.0000000000 
_pdbx_struct_oper_list.vector[3]            0.0000000000 
# 
loop_
_pdbx_audit_revision_history.ordinal 
_pdbx_audit_revision_history.data_content_type 
_pdbx_audit_revision_history.major_revision 
_pdbx_audit_revision_history.minor_revision 
_pdbx_audit_revision_history.revision_date 
1 'Structure model' 1 0 2011-12-28 
2 'Structure model' 1 1 2012-02-15 
3 'Structure model' 1 2 2012-12-12 
4 'Structure model' 2 0 2023-11-15 
# 
_pdbx_audit_revision_details.ordinal             1 
_pdbx_audit_revision_details.revision_ordinal    1 
_pdbx_audit_revision_details.data_content_type   'Structure model' 
_pdbx_audit_revision_details.provider            repository 
_pdbx_audit_revision_details.type                'Initial release' 
_pdbx_audit_revision_details.description         ? 
_pdbx_audit_revision_details.details             ? 
# 
loop_
_pdbx_audit_revision_group.ordinal 
_pdbx_audit_revision_group.revision_ordinal 
_pdbx_audit_revision_group.data_content_type 
_pdbx_audit_revision_group.group 
1 2 'Structure model' 'Database references'  
2 3 'Structure model' Other                  
3 4 'Structure model' 'Atomic model'         
4 4 'Structure model' 'Data collection'      
5 4 'Structure model' 'Database references'  
6 4 'Structure model' 'Derived calculations' 
# 
loop_
_pdbx_audit_revision_category.ordinal 
_pdbx_audit_revision_category.revision_ordinal 
_pdbx_audit_revision_category.data_content_type 
_pdbx_audit_revision_category.category 
1 4 'Structure model' atom_site           
2 4 'Structure model' atom_site_anisotrop 
3 4 'Structure model' chem_comp_atom      
4 4 'Structure model' chem_comp_bond      
5 4 'Structure model' database_2          
6 4 'Structure model' struct_conn         
7 4 'Structure model' struct_site         
# 
loop_
_pdbx_audit_revision_item.ordinal 
_pdbx_audit_revision_item.revision_ordinal 
_pdbx_audit_revision_item.data_content_type 
_pdbx_audit_revision_item.item 
1  4 'Structure model' '_atom_site.auth_atom_id'                 
2  4 'Structure model' '_atom_site.label_atom_id'                
3  4 'Structure model' '_atom_site_anisotrop.pdbx_auth_atom_id'  
4  4 'Structure model' '_atom_site_anisotrop.pdbx_label_atom_id' 
5  4 'Structure model' '_database_2.pdbx_DOI'                    
6  4 'Structure model' '_database_2.pdbx_database_accession'     
7  4 'Structure model' '_struct_conn.pdbx_leaving_atom_flag'     
8  4 'Structure model' '_struct_site.pdbx_auth_asym_id'          
9  4 'Structure model' '_struct_site.pdbx_auth_comp_id'          
10 4 'Structure model' '_struct_site.pdbx_auth_seq_id'           
# 
loop_
_software.name 
_software.classification 
_software.version 
_software.citation_id 
_software.pdbx_ordinal 
GDA    'data collection' . ? 1 
ACORN  phasing           . ? 2 
SHELXL refinement        . ? 3 
XDS    'data reduction'  . ? 4 
SCALA  'data scaling'    . ? 5 
# 
_pdbx_entry_details.entry_id                 3SBN 
_pdbx_entry_details.nonpolymer_details       ? 
_pdbx_entry_details.sequence_details         
;AUTHOR CONFIRMS THAT THERE ARE TWO IDENTICAL ANITBOTICS UNDER DIFFERENT NAMES FROM DIFFERENT SOUCES AS SEEN BETWEEN THE NORINE ENTRY NOR00990 USED FOR THE SEQUENCE REFERENCE AND THIS ENTRY.
;
_pdbx_entry_details.compound_details         ? 
_pdbx_entry_details.source_details           ? 
_pdbx_entry_details.has_ligand_of_interest   ? 
# 
loop_
_pdbx_validate_rmsd_angle.id 
_pdbx_validate_rmsd_angle.PDB_model_num 
_pdbx_validate_rmsd_angle.auth_atom_id_1 
_pdbx_validate_rmsd_angle.auth_asym_id_1 
_pdbx_validate_rmsd_angle.auth_comp_id_1 
_pdbx_validate_rmsd_angle.auth_seq_id_1 
_pdbx_validate_rmsd_angle.PDB_ins_code_1 
_pdbx_validate_rmsd_angle.label_alt_id_1 
_pdbx_validate_rmsd_angle.auth_atom_id_2 
_pdbx_validate_rmsd_angle.auth_asym_id_2 
_pdbx_validate_rmsd_angle.auth_comp_id_2 
_pdbx_validate_rmsd_angle.auth_seq_id_2 
_pdbx_validate_rmsd_angle.PDB_ins_code_2 
_pdbx_validate_rmsd_angle.label_alt_id_2 
_pdbx_validate_rmsd_angle.auth_atom_id_3 
_pdbx_validate_rmsd_angle.auth_asym_id_3 
_pdbx_validate_rmsd_angle.auth_comp_id_3 
_pdbx_validate_rmsd_angle.auth_seq_id_3 
_pdbx_validate_rmsd_angle.PDB_ins_code_3 
_pdbx_validate_rmsd_angle.label_alt_id_3 
_pdbx_validate_rmsd_angle.angle_value 
_pdbx_validate_rmsd_angle.angle_target_value 
_pdbx_validate_rmsd_angle.angle_deviation 
_pdbx_validate_rmsd_angle.angle_standard_deviation 
_pdbx_validate_rmsd_angle.linker_flag 
1 1 N   A VAL 7  ? ? CA A VAL 7  ? ? CB  A VAL 7  ? B 97.95  111.50 -13.55 2.20 N 
2 1 CG1 A VAL 7  ? B CB A VAL 7  ? B CG2 A VAL 7  ? B 100.20 110.90 -10.70 1.60 N 
3 1 N   B VAL 27 ? ? CA B VAL 27 ? ? CB  B VAL 27 ? B 95.99  111.50 -15.51 2.20 N 
# 
loop_
_chem_comp_atom.comp_id 
_chem_comp_atom.atom_id 
_chem_comp_atom.type_symbol 
_chem_comp_atom.pdbx_aromatic_flag 
_chem_comp_atom.pdbx_stereo_config 
_chem_comp_atom.pdbx_ordinal 
ACE C    C N N 1   
ACE O    O N N 2   
ACE CH3  C N N 3   
ACE H    H N N 4   
ACE H1   H N N 5   
ACE H2   H N N 6   
ACE H3   H N N 7   
AIB N    N N N 8   
AIB CA   C N N 9   
AIB C    C N N 10  
AIB O    O N N 11  
AIB OXT  O N N 12  
AIB CB1  C N N 13  
AIB CB2  C N N 14  
AIB H    H N N 15  
AIB H2   H N N 16  
AIB HXT  H N N 17  
AIB HB11 H N N 18  
AIB HB12 H N N 19  
AIB HB13 H N N 20  
AIB HB21 H N N 21  
AIB HB22 H N N 22  
AIB HB23 H N N 23  
ALA N    N N N 24  
ALA CA   C N S 25  
ALA C    C N N 26  
ALA O    O N N 27  
ALA CB   C N N 28  
ALA OXT  O N N 29  
ALA H    H N N 30  
ALA H2   H N N 31  
ALA HA   H N N 32  
ALA HB1  H N N 33  
ALA HB2  H N N 34  
ALA HB3  H N N 35  
ALA HXT  H N N 36  
ASN N    N N N 37  
ASN CA   C N S 38  
ASN C    C N N 39  
ASN O    O N N 40  
ASN CB   C N N 41  
ASN CG   C N N 42  
ASN OD1  O N N 43  
ASN ND2  N N N 44  
ASN OXT  O N N 45  
ASN H    H N N 46  
ASN H2   H N N 47  
ASN HA   H N N 48  
ASN HB2  H N N 49  
ASN HB3  H N N 50  
ASN HD21 H N N 51  
ASN HD22 H N N 52  
ASN HXT  H N N 53  
CCN N    N N N 54  
CCN C1   C N N 55  
CCN C2   C N N 56  
CCN H21  H N N 57  
CCN H22  H N N 58  
CCN H23  H N N 59  
DCL N    N N N 60  
DCL CA   C N S 61  
DCL C    C N N 62  
DCL CB   C N N 63  
DCL CG   C N N 64  
DCL CD1  C N N 65  
DCL CD2  C N N 66  
DCL O    O N N 67  
DCL H    H N N 68  
DCL H2   H N N 69  
DCL HA   H N N 70  
DCL HC1  H N N 71  
DCL HC2  H N N 72  
DCL HB1  H N N 73  
DCL HB2  H N N 74  
DCL HG   H N N 75  
DCL HD11 H N N 76  
DCL HD12 H N N 77  
DCL HD13 H N N 78  
DCL HD21 H N N 79  
DCL HD22 H N N 80  
DCL HD23 H N N 81  
DCL HO   H N N 82  
HOH O    O N N 83  
HOH H1   H N N 84  
HOH H2   H N N 85  
LEU N    N N N 86  
LEU CA   C N S 87  
LEU C    C N N 88  
LEU O    O N N 89  
LEU CB   C N N 90  
LEU CG   C N N 91  
LEU CD1  C N N 92  
LEU CD2  C N N 93  
LEU OXT  O N N 94  
LEU H    H N N 95  
LEU H2   H N N 96  
LEU HA   H N N 97  
LEU HB2  H N N 98  
LEU HB3  H N N 99  
LEU HG   H N N 100 
LEU HD11 H N N 101 
LEU HD12 H N N 102 
LEU HD13 H N N 103 
LEU HD21 H N N 104 
LEU HD22 H N N 105 
LEU HD23 H N N 106 
LEU HXT  H N N 107 
MOH C    C N N 108 
MOH O    O N N 109 
MOH H1   H N N 110 
MOH H2   H N N 111 
MOH H3   H N N 112 
MOH HO   H N N 113 
PRO N    N N N 114 
PRO CA   C N S 115 
PRO C    C N N 116 
PRO O    O N N 117 
PRO CB   C N N 118 
PRO CG   C N N 119 
PRO CD   C N N 120 
PRO OXT  O N N 121 
PRO H    H N N 122 
PRO HA   H N N 123 
PRO HB2  H N N 124 
PRO HB3  H N N 125 
PRO HG2  H N N 126 
PRO HG3  H N N 127 
PRO HD2  H N N 128 
PRO HD3  H N N 129 
PRO HXT  H N N 130 
VAL N    N N N 131 
VAL CA   C N S 132 
VAL C    C N N 133 
VAL O    O N N 134 
VAL CB   C N N 135 
VAL CG1  C N N 136 
VAL CG2  C N N 137 
VAL OXT  O N N 138 
VAL H    H N N 139 
VAL H2   H N N 140 
VAL HA   H N N 141 
VAL HB   H N N 142 
VAL HG11 H N N 143 
VAL HG12 H N N 144 
VAL HG13 H N N 145 
VAL HG21 H N N 146 
VAL HG22 H N N 147 
VAL HG23 H N N 148 
VAL HXT  H N N 149 
# 
loop_
_chem_comp_bond.comp_id 
_chem_comp_bond.atom_id_1 
_chem_comp_bond.atom_id_2 
_chem_comp_bond.value_order 
_chem_comp_bond.pdbx_aromatic_flag 
_chem_comp_bond.pdbx_stereo_config 
_chem_comp_bond.pdbx_ordinal 
ACE C   O    doub N N 1   
ACE C   CH3  sing N N 2   
ACE C   H    sing N N 3   
ACE CH3 H1   sing N N 4   
ACE CH3 H2   sing N N 5   
ACE CH3 H3   sing N N 6   
AIB N   CA   sing N N 7   
AIB N   H    sing N N 8   
AIB N   H2   sing N N 9   
AIB CA  C    sing N N 10  
AIB CA  CB1  sing N N 11  
AIB CA  CB2  sing N N 12  
AIB C   O    doub N N 13  
AIB C   OXT  sing N N 14  
AIB OXT HXT  sing N N 15  
AIB CB1 HB11 sing N N 16  
AIB CB1 HB12 sing N N 17  
AIB CB1 HB13 sing N N 18  
AIB CB2 HB21 sing N N 19  
AIB CB2 HB22 sing N N 20  
AIB CB2 HB23 sing N N 21  
ALA N   CA   sing N N 22  
ALA N   H    sing N N 23  
ALA N   H2   sing N N 24  
ALA CA  C    sing N N 25  
ALA CA  CB   sing N N 26  
ALA CA  HA   sing N N 27  
ALA C   O    doub N N 28  
ALA C   OXT  sing N N 29  
ALA CB  HB1  sing N N 30  
ALA CB  HB2  sing N N 31  
ALA CB  HB3  sing N N 32  
ALA OXT HXT  sing N N 33  
ASN N   CA   sing N N 34  
ASN N   H    sing N N 35  
ASN N   H2   sing N N 36  
ASN CA  C    sing N N 37  
ASN CA  CB   sing N N 38  
ASN CA  HA   sing N N 39  
ASN C   O    doub N N 40  
ASN C   OXT  sing N N 41  
ASN CB  CG   sing N N 42  
ASN CB  HB2  sing N N 43  
ASN CB  HB3  sing N N 44  
ASN CG  OD1  doub N N 45  
ASN CG  ND2  sing N N 46  
ASN ND2 HD21 sing N N 47  
ASN ND2 HD22 sing N N 48  
ASN OXT HXT  sing N N 49  
CCN N   C1   trip N N 50  
CCN C1  C2   sing N N 51  
CCN C2  H21  sing N N 52  
CCN C2  H22  sing N N 53  
CCN C2  H23  sing N N 54  
DCL N   CA   sing N N 55  
DCL N   H    sing N N 56  
DCL N   H2   sing N N 57  
DCL CA  C    sing N N 58  
DCL CA  CB   sing N N 59  
DCL CA  HA   sing N N 60  
DCL C   O    sing N N 61  
DCL C   HC1  sing N N 62  
DCL C   HC2  sing N N 63  
DCL CB  CG   sing N N 64  
DCL CB  HB1  sing N N 65  
DCL CB  HB2  sing N N 66  
DCL CG  CD1  sing N N 67  
DCL CG  CD2  sing N N 68  
DCL CG  HG   sing N N 69  
DCL CD1 HD11 sing N N 70  
DCL CD1 HD12 sing N N 71  
DCL CD1 HD13 sing N N 72  
DCL CD2 HD21 sing N N 73  
DCL CD2 HD22 sing N N 74  
DCL CD2 HD23 sing N N 75  
DCL O   HO   sing N N 76  
HOH O   H1   sing N N 77  
HOH O   H2   sing N N 78  
LEU N   CA   sing N N 79  
LEU N   H    sing N N 80  
LEU N   H2   sing N N 81  
LEU CA  C    sing N N 82  
LEU CA  CB   sing N N 83  
LEU CA  HA   sing N N 84  
LEU C   O    doub N N 85  
LEU C   OXT  sing N N 86  
LEU CB  CG   sing N N 87  
LEU CB  HB2  sing N N 88  
LEU CB  HB3  sing N N 89  
LEU CG  CD1  sing N N 90  
LEU CG  CD2  sing N N 91  
LEU CG  HG   sing N N 92  
LEU CD1 HD11 sing N N 93  
LEU CD1 HD12 sing N N 94  
LEU CD1 HD13 sing N N 95  
LEU CD2 HD21 sing N N 96  
LEU CD2 HD22 sing N N 97  
LEU CD2 HD23 sing N N 98  
LEU OXT HXT  sing N N 99  
MOH C   O    sing N N 100 
MOH C   H1   sing N N 101 
MOH C   H2   sing N N 102 
MOH C   H3   sing N N 103 
MOH O   HO   sing N N 104 
PRO N   CA   sing N N 105 
PRO N   CD   sing N N 106 
PRO N   H    sing N N 107 
PRO CA  C    sing N N 108 
PRO CA  CB   sing N N 109 
PRO CA  HA   sing N N 110 
PRO C   O    doub N N 111 
PRO C   OXT  sing N N 112 
PRO CB  CG   sing N N 113 
PRO CB  HB2  sing N N 114 
PRO CB  HB3  sing N N 115 
PRO CG  CD   sing N N 116 
PRO CG  HG2  sing N N 117 
PRO CG  HG3  sing N N 118 
PRO CD  HD2  sing N N 119 
PRO CD  HD3  sing N N 120 
PRO OXT HXT  sing N N 121 
VAL N   CA   sing N N 122 
VAL N   H    sing N N 123 
VAL N   H2   sing N N 124 
VAL CA  C    sing N N 125 
VAL CA  CB   sing N N 126 
VAL CA  HA   sing N N 127 
VAL C   O    doub N N 128 
VAL C   OXT  sing N N 129 
VAL CB  CG1  sing N N 130 
VAL CB  CG2  sing N N 131 
VAL CB  HB   sing N N 132 
VAL CG1 HG11 sing N N 133 
VAL CG1 HG12 sing N N 134 
VAL CG1 HG13 sing N N 135 
VAL CG2 HG21 sing N N 136 
VAL CG2 HG22 sing N N 137 
VAL CG2 HG23 sing N N 138 
VAL OXT HXT  sing N N 139 
# 
loop_
_pdbx_entity_nonpoly.entity_id 
_pdbx_entity_nonpoly.name 
_pdbx_entity_nonpoly.comp_id 
2 ACETONITRILE CCN 
3 METHANOL     MOH 
4 water        HOH 
# 
